data_6IFE
#
_entry.id   6IFE
#
_cell.length_a   123.637
_cell.length_b   106.135
_cell.length_c   105.884
_cell.angle_alpha   90.00
_cell.angle_beta   122.51
_cell.angle_gamma   90.00
#
_symmetry.space_group_name_H-M   'C 1 2 1'
#
loop_
_entity.id
_entity.type
_entity.pdbx_description
1 polymer Beta-xylosidase
2 non-polymer GLYCEROL
3 water water
#
_entity_poly.entity_id   1
_entity_poly.type   'polypeptide(L)'
_entity_poly.pdbx_seq_one_letter_code
;MRGSHHHHHHGMASELALMKITNPVLKGFNPDPSICRVGEDYYMAVSTFEWFPGVQIYHSKDLVHWRLAARPLQKTSQLD
MKGNPDSGGVWAPCLSYADGQFWLIYSDIKVVDGPFKDGHNYLVTASEVDGDWSEPILLNSSGFDPSLFHDHSGKKYVLN
MLWDHREKHHSFAGIALQEYSVAEKKLIGQRKVIFKGTPIKLTEAPHLYHIGDYYYLLTAEGGTRYEHAATIARSSHIEG
PYEVHPDNPIVSAFHVPEHPLQKCGHASIVQTHTNEWYLAHLTGRPIQSSKESIFQQRGWCPLGRETAIQKLEWKDGWPY
VVGGKEGTLEVEAPKIEEKVFAPTYHTVDEFKESTLNRHFQTLRIPFTDQIGSLTEKPQHLRLFGRESLTSKFTQAFVAR
RWQSFYFEAETAVSFFPENFQQAAGLVNYYNTENWTALQVTYDEELGRTLELSVCQNLAFSQPLTHKIIIPDEVTYVYLK
VTVRKETYKYSYSFDQKEWKEIDVPFESIHLSDDFIRGGGFFTGAFVGMQCQDTSGERLPADFHYFRYEETDE
;
_entity_poly.pdbx_strand_id   A,B
#
loop_
_chem_comp.id
_chem_comp.type
_chem_comp.name
_chem_comp.formula
GOL non-polymer GLYCEROL 'C3 H8 O3'
#
# COMPACT_ATOMS: atom_id res chain seq x y z
N MET A 19 -10.72 -27.92 37.91
CA MET A 19 -10.95 -26.56 37.41
C MET A 19 -10.48 -26.44 35.95
N LYS A 20 -9.17 -26.50 35.74
CA LYS A 20 -8.50 -26.59 34.44
C LYS A 20 -8.69 -25.44 33.44
N ILE A 21 -7.57 -24.86 33.04
CA ILE A 21 -7.49 -24.02 31.84
C ILE A 21 -7.52 -24.91 30.61
N THR A 22 -8.40 -24.62 29.66
CA THR A 22 -8.42 -25.38 28.40
C THR A 22 -7.85 -24.50 27.29
N ASN A 23 -6.74 -24.94 26.71
CA ASN A 23 -6.05 -24.16 25.68
C ASN A 23 -6.51 -24.55 24.28
N PRO A 24 -6.56 -23.58 23.34
CA PRO A 24 -6.24 -22.16 23.57
C PRO A 24 -7.37 -21.43 24.31
N VAL A 25 -7.00 -20.47 25.16
CA VAL A 25 -8.00 -19.69 25.89
C VAL A 25 -8.60 -18.60 25.01
N LEU A 26 -7.84 -18.06 24.06
CA LEU A 26 -8.38 -17.13 23.07
C LEU A 26 -8.30 -17.85 21.73
N LYS A 27 -9.43 -18.21 21.16
CA LYS A 27 -9.46 -19.01 19.95
C LYS A 27 -9.56 -18.12 18.72
N GLY A 28 -9.05 -18.62 17.60
CA GLY A 28 -8.99 -17.79 16.42
C GLY A 28 -7.93 -16.71 16.58
N PHE A 29 -7.90 -15.83 15.59
CA PHE A 29 -6.85 -14.84 15.44
C PHE A 29 -6.71 -13.98 16.69
N ASN A 30 -5.77 -14.36 17.56
CA ASN A 30 -5.52 -13.64 18.83
C ASN A 30 -4.07 -13.83 19.24
N PRO A 31 -3.14 -13.20 18.52
CA PRO A 31 -1.71 -13.48 18.76
C PRO A 31 -1.00 -12.50 19.69
N ASP A 32 0.25 -12.83 20.03
CA ASP A 32 1.18 -11.95 20.73
C ASP A 32 0.60 -11.48 22.06
N PRO A 33 0.23 -12.40 22.95
CA PRO A 33 -0.51 -11.99 24.17
C PRO A 33 0.40 -11.26 25.13
N SER A 34 -0.09 -10.15 25.65
CA SER A 34 0.55 -9.41 26.73
C SER A 34 -0.36 -9.48 27.93
N ILE A 35 0.03 -10.26 28.95
CA ILE A 35 -0.82 -10.49 30.12
C ILE A 35 -0.40 -9.54 31.23
N CYS A 36 -1.38 -9.12 32.04
CA CYS A 36 -1.21 -8.02 32.97
C CYS A 36 -2.14 -8.22 34.15
N ARG A 37 -1.62 -8.18 35.38
CA ARG A 37 -2.46 -8.25 36.56
C ARG A 37 -2.60 -6.87 37.20
N VAL A 38 -3.82 -6.55 37.60
CA VAL A 38 -4.14 -5.36 38.39
C VAL A 38 -4.98 -5.87 39.55
N GLY A 39 -4.38 -5.98 40.72
CA GLY A 39 -5.13 -6.49 41.85
C GLY A 39 -5.58 -7.92 41.58
N GLU A 40 -6.89 -8.15 41.52
CA GLU A 40 -7.44 -9.48 41.27
C GLU A 40 -8.08 -9.57 39.90
N ASP A 41 -7.81 -8.62 39.04
CA ASP A 41 -8.24 -8.70 37.65
C ASP A 41 -7.04 -9.00 36.77
N TYR A 42 -7.29 -9.74 35.70
CA TYR A 42 -6.24 -10.15 34.77
C TYR A 42 -6.63 -9.70 33.38
N TYR A 43 -5.67 -9.12 32.65
CA TYR A 43 -5.91 -8.61 31.31
C TYR A 43 -4.88 -9.19 30.36
N MET A 44 -5.27 -9.30 29.09
CA MET A 44 -4.43 -9.82 28.02
C MET A 44 -4.74 -8.99 26.79
N ALA A 45 -3.73 -8.31 26.24
CA ALA A 45 -3.86 -7.59 24.98
C ALA A 45 -3.27 -8.44 23.86
N VAL A 46 -3.92 -8.41 22.69
CA VAL A 46 -3.43 -9.15 21.53
C VAL A 46 -3.39 -8.21 20.34
N SER A 47 -2.59 -8.59 19.34
CA SER A 47 -2.39 -7.79 18.14
C SER A 47 -3.51 -7.99 17.14
N THR A 48 -3.71 -6.98 16.29
CA THR A 48 -4.85 -6.94 15.39
C THR A 48 -4.46 -6.56 13.97
N PHE A 49 -3.23 -6.12 13.73
CA PHE A 49 -2.69 -5.86 12.39
C PHE A 49 -3.58 -4.85 11.68
N GLU A 50 -4.10 -5.16 10.51
CA GLU A 50 -4.85 -4.16 9.73
C GLU A 50 -6.30 -4.02 10.18
N TRP A 51 -6.77 -4.81 11.13
CA TRP A 51 -8.17 -4.80 11.48
C TRP A 51 -8.48 -3.70 12.50
N PHE A 52 -9.58 -2.96 12.27
CA PHE A 52 -9.90 -1.77 13.04
C PHE A 52 -11.22 -1.93 13.79
N PRO A 53 -11.33 -1.45 15.04
CA PRO A 53 -10.35 -0.76 15.89
C PRO A 53 -9.22 -1.67 16.35
N GLY A 54 -8.12 -1.09 16.80
CA GLY A 54 -6.89 -1.81 17.04
C GLY A 54 -6.71 -2.24 18.49
N VAL A 55 -5.99 -3.36 18.65
CA VAL A 55 -5.69 -4.01 19.93
C VAL A 55 -6.96 -4.53 20.54
N GLN A 56 -6.97 -5.80 20.88
CA GLN A 56 -8.07 -6.38 21.63
C GLN A 56 -7.56 -6.65 23.03
N ILE A 57 -8.30 -6.17 24.05
CA ILE A 57 -7.98 -6.46 25.44
C ILE A 57 -9.05 -7.37 26.02
N TYR A 58 -8.64 -8.50 26.54
CA TYR A 58 -9.51 -9.45 27.21
C TYR A 58 -9.31 -9.37 28.71
N HIS A 59 -10.35 -9.74 29.46
CA HIS A 59 -10.33 -9.68 30.91
C HIS A 59 -10.76 -11.03 31.48
N SER A 60 -10.15 -11.37 32.62
CA SER A 60 -10.47 -12.61 33.30
C SER A 60 -10.28 -12.43 34.79
N LYS A 61 -11.04 -13.19 35.57
CA LYS A 61 -10.80 -13.30 37.01
C LYS A 61 -9.98 -14.52 37.38
N ASP A 62 -10.12 -15.63 36.64
CA ASP A 62 -9.62 -16.92 37.06
C ASP A 62 -8.62 -17.54 36.09
N LEU A 63 -8.28 -16.84 35.00
CA LEU A 63 -7.43 -17.25 33.90
C LEU A 63 -8.02 -18.37 33.06
N VAL A 64 -9.18 -18.91 33.44
CA VAL A 64 -9.87 -19.95 32.68
C VAL A 64 -10.87 -19.35 31.69
N HIS A 65 -11.67 -18.40 32.16
CA HIS A 65 -12.69 -17.76 31.35
C HIS A 65 -12.27 -16.33 31.04
N TRP A 66 -12.36 -15.97 29.76
CA TRP A 66 -11.91 -14.68 29.27
C TRP A 66 -13.06 -14.01 28.54
N ARG A 67 -13.17 -12.70 28.68
CA ARG A 67 -14.18 -11.95 27.94
C ARG A 67 -13.50 -10.82 27.17
N LEU A 68 -14.03 -10.53 25.98
CA LEU A 68 -13.51 -9.42 25.19
C LEU A 68 -13.99 -8.11 25.84
N ALA A 69 -13.04 -7.33 26.36
CA ALA A 69 -13.34 -6.19 27.21
C ALA A 69 -13.19 -4.84 26.53
N ALA A 70 -12.23 -4.66 25.63
CA ALA A 70 -12.00 -3.34 25.06
C ALA A 70 -11.20 -3.46 23.78
N ARG A 71 -11.32 -2.44 22.94
CA ARG A 71 -10.45 -2.24 21.78
C ARG A 71 -9.99 -0.79 21.82
N PRO A 72 -8.80 -0.54 22.36
CA PRO A 72 -8.41 0.84 22.70
C PRO A 72 -8.35 1.81 21.53
N LEU A 73 -7.77 1.39 20.41
CA LEU A 73 -7.39 2.33 19.35
C LEU A 73 -8.57 2.53 18.42
N GLN A 74 -9.40 3.53 18.76
CA GLN A 74 -10.68 3.76 18.10
C GLN A 74 -10.65 4.93 17.14
N LYS A 75 -9.63 5.79 17.19
CA LYS A 75 -9.60 6.99 16.38
C LYS A 75 -8.44 6.95 15.40
N THR A 76 -8.63 7.56 14.22
CA THR A 76 -7.54 7.67 13.27
C THR A 76 -6.37 8.45 13.84
N SER A 77 -6.64 9.40 14.75
CA SER A 77 -5.53 10.11 15.38
C SER A 77 -4.67 9.17 16.24
N GLN A 78 -5.26 8.08 16.74
CA GLN A 78 -4.45 7.06 17.41
C GLN A 78 -3.90 6.04 16.45
N LEU A 79 -4.63 5.73 15.38
CA LEU A 79 -4.26 4.61 14.51
C LEU A 79 -4.78 4.90 13.11
N ASP A 80 -3.89 5.29 12.19
CA ASP A 80 -4.25 5.64 10.82
C ASP A 80 -3.64 4.61 9.91
N MET A 81 -4.44 3.65 9.43
CA MET A 81 -3.89 2.52 8.70
C MET A 81 -4.35 2.44 7.26
N LYS A 82 -5.02 3.47 6.73
CA LYS A 82 -5.39 3.43 5.32
C LYS A 82 -4.15 3.24 4.45
N GLY A 83 -4.24 2.33 3.49
CA GLY A 83 -3.12 1.97 2.66
C GLY A 83 -2.13 1.00 3.29
N ASN A 84 -2.29 0.64 4.56
CA ASN A 84 -1.31 -0.25 5.19
C ASN A 84 -1.24 -1.59 4.47
N PRO A 85 -0.05 -2.19 4.36
CA PRO A 85 0.04 -3.52 3.74
C PRO A 85 -0.70 -4.54 4.58
N ASP A 86 -1.07 -5.65 3.92
CA ASP A 86 -1.65 -6.76 4.66
C ASP A 86 -0.68 -7.22 5.75
N SER A 87 -1.18 -7.40 6.96
CA SER A 87 -0.40 -7.78 8.14
C SER A 87 0.62 -6.72 8.52
N GLY A 88 0.43 -5.48 8.09
CA GLY A 88 1.09 -4.35 8.72
C GLY A 88 0.25 -3.91 9.89
N GLY A 89 0.38 -2.63 10.25
CA GLY A 89 -0.43 -2.09 11.33
C GLY A 89 0.05 -2.54 12.71
N VAL A 90 -0.91 -2.89 13.56
CA VAL A 90 -0.68 -3.11 14.98
C VAL A 90 -0.07 -4.49 15.15
N TRP A 91 1.25 -4.55 15.30
CA TRP A 91 1.94 -5.79 15.65
C TRP A 91 1.83 -6.01 17.17
N ALA A 92 2.68 -6.85 17.76
CA ALA A 92 2.54 -7.19 19.17
C ALA A 92 2.45 -5.95 20.06
N PRO A 93 1.41 -5.82 20.90
CA PRO A 93 1.32 -4.69 21.83
C PRO A 93 1.81 -5.05 23.22
N CYS A 94 1.94 -4.07 24.11
CA CYS A 94 2.37 -4.34 25.47
C CYS A 94 1.43 -3.59 26.40
N LEU A 95 0.76 -4.31 27.28
CA LEU A 95 -0.15 -3.72 28.25
C LEU A 95 0.44 -3.86 29.64
N SER A 96 0.51 -2.76 30.37
CA SER A 96 0.99 -2.79 31.74
C SER A 96 0.16 -1.84 32.58
N TYR A 97 0.37 -1.90 33.89
CA TYR A 97 -0.34 -1.05 34.85
C TYR A 97 0.64 -0.55 35.90
N ALA A 98 0.65 0.76 36.13
CA ALA A 98 1.49 1.36 37.15
C ALA A 98 1.00 2.76 37.40
N ASP A 99 1.22 3.25 38.62
CA ASP A 99 0.88 4.63 38.96
C ASP A 99 -0.59 4.92 38.65
N GLY A 100 -1.45 3.95 38.96
CA GLY A 100 -2.87 4.12 38.81
C GLY A 100 -3.42 4.20 37.40
N GLN A 101 -2.68 3.73 36.39
CA GLN A 101 -3.19 3.80 35.02
C GLN A 101 -2.61 2.66 34.20
N PHE A 102 -3.36 2.28 33.15
CA PHE A 102 -2.87 1.33 32.17
C PHE A 102 -1.99 2.05 31.15
N TRP A 103 -0.97 1.35 30.69
CA TRP A 103 -0.07 1.84 29.68
C TRP A 103 -0.09 0.84 28.54
N LEU A 104 -0.34 1.33 27.33
CA LEU A 104 -0.39 0.46 26.16
C LEU A 104 0.65 0.96 25.17
N ILE A 105 1.61 0.10 24.85
CA ILE A 105 2.62 0.37 23.83
C ILE A 105 2.24 -0.41 22.59
N TYR A 106 2.20 0.26 21.45
CA TYR A 106 1.82 -0.44 20.24
C TYR A 106 2.63 0.11 19.08
N SER A 107 2.53 -0.58 17.95
CA SER A 107 3.24 -0.22 16.73
C SER A 107 2.27 -0.03 15.59
N ASP A 108 2.70 0.77 14.61
CA ASP A 108 2.07 0.85 13.31
C ASP A 108 3.14 0.53 12.30
N ILE A 109 3.12 -0.69 11.75
CA ILE A 109 4.13 -1.15 10.80
C ILE A 109 3.64 -0.82 9.39
N LYS A 110 4.45 -0.06 8.66
CA LYS A 110 4.11 0.41 7.32
C LYS A 110 4.73 -0.43 6.22
N VAL A 111 5.78 -1.19 6.52
CA VAL A 111 6.48 -1.97 5.51
C VAL A 111 6.75 -3.35 6.12
N VAL A 112 6.30 -4.39 5.44
CA VAL A 112 6.41 -5.75 5.94
C VAL A 112 7.25 -6.64 5.04
N ASP A 113 7.83 -6.11 3.98
CA ASP A 113 8.64 -6.94 3.11
C ASP A 113 9.84 -6.16 2.61
N GLY A 114 10.92 -6.88 2.33
CA GLY A 114 12.12 -6.27 1.82
C GLY A 114 13.08 -6.04 2.96
N PRO A 115 14.11 -5.22 2.72
CA PRO A 115 15.18 -5.04 3.72
C PRO A 115 14.78 -4.25 4.94
N PHE A 116 13.78 -3.37 4.85
CA PHE A 116 13.42 -2.49 5.93
C PHE A 116 12.10 -2.93 6.55
N LYS A 117 11.85 -2.44 7.76
CA LYS A 117 10.61 -2.73 8.46
C LYS A 117 10.07 -1.44 9.04
N ASP A 118 9.87 -0.45 8.18
CA ASP A 118 9.48 0.89 8.62
C ASP A 118 8.21 0.80 9.45
N GLY A 119 8.28 1.31 10.66
CA GLY A 119 7.16 1.30 11.57
C GLY A 119 7.53 2.07 12.81
N HIS A 120 6.48 2.50 13.52
CA HIS A 120 6.65 3.43 14.61
C HIS A 120 5.93 2.90 15.85
N ASN A 121 6.50 3.21 17.01
CA ASN A 121 5.98 2.73 18.28
C ASN A 121 5.39 3.89 19.08
N TYR A 122 4.27 3.63 19.74
CA TYR A 122 3.50 4.68 20.40
C TYR A 122 3.07 4.22 21.78
N LEU A 123 2.75 5.19 22.62
CA LEU A 123 2.25 4.98 23.98
C LEU A 123 0.94 5.73 24.17
N VAL A 124 -0.08 5.02 24.64
CA VAL A 124 -1.34 5.62 25.09
C VAL A 124 -1.61 5.08 26.49
N THR A 125 -2.38 5.85 27.26
CA THR A 125 -2.69 5.55 28.64
C THR A 125 -4.19 5.71 28.87
N ALA A 126 -4.69 5.05 29.91
CA ALA A 126 -6.08 5.17 30.33
C ALA A 126 -6.18 4.67 31.76
N SER A 127 -7.21 5.17 32.45
CA SER A 127 -7.54 4.70 33.80
C SER A 127 -8.09 3.29 33.77
N GLU A 128 -8.91 2.97 32.77
CA GLU A 128 -9.51 1.65 32.64
C GLU A 128 -9.34 1.15 31.21
N VAL A 129 -9.32 -0.18 31.04
CA VAL A 129 -8.98 -0.70 29.71
C VAL A 129 -10.07 -0.34 28.70
N ASP A 130 -11.31 -0.19 29.15
CA ASP A 130 -12.41 0.20 28.28
C ASP A 130 -12.74 1.69 28.41
N GLY A 131 -11.87 2.48 29.02
CA GLY A 131 -12.04 3.91 29.07
C GLY A 131 -11.58 4.57 27.77
N ASP A 132 -11.42 5.89 27.83
CA ASP A 132 -10.93 6.65 26.70
C ASP A 132 -9.41 6.67 26.78
N TRP A 133 -8.76 6.21 25.73
CA TRP A 133 -7.31 6.22 25.77
C TRP A 133 -6.79 7.54 25.23
N SER A 134 -5.61 7.93 25.70
CA SER A 134 -5.04 9.23 25.36
C SER A 134 -4.69 9.29 23.87
N GLU A 135 -4.19 10.45 23.45
CA GLU A 135 -3.60 10.50 22.13
C GLU A 135 -2.16 10.00 22.18
N PRO A 136 -1.64 9.44 21.09
CA PRO A 136 -0.36 8.73 21.18
C PRO A 136 0.82 9.66 21.43
N ILE A 137 1.75 9.16 22.23
CA ILE A 137 3.09 9.72 22.35
C ILE A 137 4.02 8.88 21.50
N LEU A 138 4.78 9.52 20.63
CA LEU A 138 5.68 8.77 19.75
C LEU A 138 6.97 8.42 20.49
N LEU A 139 7.34 7.15 20.48
CA LEU A 139 8.52 6.71 21.22
C LEU A 139 9.74 6.61 20.32
N ASN A 140 9.73 5.67 19.39
CA ASN A 140 10.85 5.50 18.47
C ASN A 140 10.35 4.69 17.29
N SER A 141 11.28 4.36 16.38
CA SER A 141 10.96 3.59 15.19
C SER A 141 11.99 2.51 14.91
N SER A 142 12.84 2.18 15.87
CA SER A 142 14.04 1.41 15.62
C SER A 142 13.80 -0.10 15.53
N GLY A 143 12.57 -0.54 15.75
CA GLY A 143 12.23 -1.95 15.68
C GLY A 143 10.90 -2.16 16.37
N PHE A 144 10.32 -3.34 16.14
CA PHE A 144 8.98 -3.62 16.60
C PHE A 144 8.99 -4.30 17.97
N ASP A 145 7.82 -4.75 18.42
CA ASP A 145 7.64 -5.36 19.74
C ASP A 145 8.12 -4.48 20.90
N PRO A 146 7.69 -3.23 20.97
CA PRO A 146 8.10 -2.39 22.10
C PRO A 146 7.38 -2.82 23.37
N SER A 147 8.07 -2.65 24.49
CA SER A 147 7.55 -3.00 25.79
C SER A 147 7.95 -1.93 26.77
N LEU A 148 7.09 -1.64 27.72
CA LEU A 148 7.36 -0.67 28.77
C LEU A 148 7.57 -1.37 30.10
N PHE A 149 8.72 -1.14 30.72
CA PHE A 149 9.09 -1.77 31.98
C PHE A 149 9.07 -0.73 33.09
N HIS A 150 8.37 -1.04 34.18
CA HIS A 150 8.22 -0.16 35.35
C HIS A 150 9.18 -0.63 36.43
N ASP A 151 10.31 0.06 36.58
CA ASP A 151 11.31 -0.34 37.55
C ASP A 151 10.91 0.03 38.97
N HIS A 152 11.42 -0.73 39.95
CA HIS A 152 11.14 -0.43 41.35
C HIS A 152 11.67 0.93 41.76
N SER A 153 12.72 1.42 41.08
CA SER A 153 13.26 2.75 41.37
C SER A 153 12.30 3.87 40.98
N GLY A 154 11.23 3.58 40.26
CA GLY A 154 10.35 4.58 39.71
C GLY A 154 10.64 4.94 38.27
N LYS A 155 11.85 4.66 37.79
CA LYS A 155 12.17 4.90 36.40
C LYS A 155 11.36 3.98 35.48
N LYS A 156 11.19 4.42 34.24
CA LYS A 156 10.51 3.64 33.22
C LYS A 156 11.44 3.45 32.03
N TYR A 157 11.39 2.27 31.44
CA TYR A 157 12.25 1.92 30.33
C TYR A 157 11.43 1.30 29.22
N VAL A 158 11.79 1.63 27.99
CA VAL A 158 11.21 1.00 26.80
C VAL A 158 12.22 0.02 26.22
N LEU A 159 11.78 -1.20 25.99
CA LEU A 159 12.53 -2.22 25.27
C LEU A 159 11.89 -2.43 23.90
N ASN A 160 12.71 -2.71 22.91
CA ASN A 160 12.19 -3.19 21.64
C ASN A 160 13.33 -3.90 20.92
N MET A 161 12.98 -4.69 19.91
CA MET A 161 14.03 -5.26 19.09
C MET A 161 14.59 -4.18 18.15
N LEU A 162 15.83 -4.39 17.70
CA LEU A 162 16.47 -3.51 16.74
C LEU A 162 16.44 -4.18 15.37
N TRP A 163 15.88 -3.50 14.37
CA TRP A 163 15.87 -4.03 13.01
C TRP A 163 17.14 -3.59 12.27
N ASP A 164 17.88 -4.55 11.74
CA ASP A 164 19.07 -4.28 10.95
C ASP A 164 18.76 -4.61 9.50
N HIS A 165 18.82 -3.61 8.63
CA HIS A 165 18.57 -3.78 7.21
C HIS A 165 19.82 -4.19 6.44
N ARG A 166 20.98 -4.16 7.07
CA ARG A 166 22.21 -4.26 6.29
C ARG A 166 22.37 -5.64 5.70
N GLU A 167 22.94 -5.70 4.48
CA GLU A 167 22.96 -6.94 3.71
C GLU A 167 23.74 -8.05 4.43
N LYS A 168 24.85 -7.70 5.06
CA LYS A 168 25.69 -8.72 5.66
C LYS A 168 25.15 -9.23 7.00
N HIS A 169 24.16 -8.56 7.59
CA HIS A 169 23.79 -8.84 8.97
C HIS A 169 22.46 -9.58 9.08
N HIS A 170 22.37 -10.41 10.11
CA HIS A 170 21.06 -10.88 10.58
C HIS A 170 20.22 -9.67 10.95
N SER A 171 18.93 -9.72 10.57
CA SER A 171 18.06 -8.56 10.73
C SER A 171 17.66 -8.31 12.17
N PHE A 172 17.81 -9.28 13.04
CA PHE A 172 17.39 -9.15 14.43
C PHE A 172 18.66 -8.84 15.22
N ALA A 173 18.90 -7.54 15.45
CA ALA A 173 20.18 -7.08 15.96
C ALA A 173 20.22 -6.95 17.48
N GLY A 174 19.23 -7.46 18.17
CA GLY A 174 19.28 -7.48 19.62
C GLY A 174 18.14 -6.70 20.24
N ILE A 175 18.18 -6.65 21.56
CA ILE A 175 17.17 -5.99 22.37
C ILE A 175 17.75 -4.68 22.87
N ALA A 176 17.09 -3.58 22.53
CA ALA A 176 17.47 -2.25 22.97
C ALA A 176 16.68 -1.84 24.22
N LEU A 177 17.34 -1.09 25.09
CA LEU A 177 16.76 -0.56 26.32
C LEU A 177 17.03 0.93 26.35
N GLN A 178 16.00 1.72 26.67
CA GLN A 178 16.23 3.15 26.81
C GLN A 178 15.23 3.70 27.82
N GLU A 179 15.68 4.65 28.65
CA GLU A 179 14.82 5.22 29.68
C GLU A 179 13.77 6.10 29.04
N TYR A 180 12.54 5.99 29.53
CA TYR A 180 11.44 6.84 29.11
C TYR A 180 11.14 7.82 30.22
N SER A 181 11.15 9.12 29.90
CA SER A 181 10.81 10.15 30.89
C SER A 181 9.30 10.38 30.84
N VAL A 182 8.60 10.04 31.92
CA VAL A 182 7.17 10.34 32.00
C VAL A 182 6.93 11.85 31.93
N ALA A 183 7.81 12.63 32.57
CA ALA A 183 7.60 14.08 32.59
C ALA A 183 7.79 14.67 31.20
N GLU A 184 8.84 14.27 30.49
CA GLU A 184 9.17 14.88 29.21
C GLU A 184 8.47 14.20 28.04
N LYS A 185 7.74 13.10 28.28
CA LYS A 185 7.00 12.39 27.24
C LYS A 185 7.93 11.97 26.10
N LYS A 186 9.13 11.51 26.44
CA LYS A 186 10.04 11.07 25.40
C LYS A 186 11.09 10.16 25.99
N LEU A 187 11.72 9.36 25.12
CA LEU A 187 12.89 8.62 25.55
C LEU A 187 14.03 9.59 25.77
N ILE A 188 14.81 9.35 26.81
CA ILE A 188 15.91 10.20 27.21
C ILE A 188 17.17 9.36 27.30
N GLY A 189 18.30 10.02 27.47
CA GLY A 189 19.52 9.28 27.50
C GLY A 189 19.76 8.62 26.16
N GLN A 190 20.51 7.53 26.19
CA GLN A 190 20.78 6.80 24.97
C GLN A 190 20.43 5.33 25.11
N ARG A 191 20.07 4.71 23.99
CA ARG A 191 19.67 3.32 23.98
C ARG A 191 20.90 2.43 24.13
N LYS A 192 20.68 1.24 24.70
CA LYS A 192 21.74 0.29 24.93
C LYS A 192 21.23 -1.08 24.51
N VAL A 193 22.04 -1.82 23.76
CA VAL A 193 21.70 -3.18 23.40
C VAL A 193 22.08 -4.08 24.58
N ILE A 194 21.07 -4.65 25.24
CA ILE A 194 21.32 -5.39 26.47
C ILE A 194 21.40 -6.89 26.25
N PHE A 195 21.01 -7.39 25.09
CA PHE A 195 20.95 -8.83 24.86
C PHE A 195 20.94 -9.06 23.35
N LYS A 196 21.72 -10.04 22.90
CA LYS A 196 21.82 -10.34 21.48
C LYS A 196 21.19 -11.65 21.08
N GLY A 197 20.64 -12.40 22.03
CA GLY A 197 19.93 -13.62 21.72
C GLY A 197 20.82 -14.85 21.78
N THR A 198 20.24 -15.98 21.35
CA THR A 198 20.87 -17.30 21.34
C THR A 198 21.00 -17.76 19.88
N PRO A 199 21.59 -18.93 19.62
CA PRO A 199 21.63 -19.42 18.23
C PRO A 199 20.27 -19.60 17.56
N ILE A 200 19.17 -19.63 18.31
CA ILE A 200 17.87 -19.69 17.64
C ILE A 200 17.64 -18.42 16.82
N LYS A 201 18.14 -17.28 17.29
CA LYS A 201 18.06 -16.01 16.59
C LYS A 201 16.63 -15.54 16.37
N LEU A 202 16.45 -14.58 15.47
CA LEU A 202 15.19 -13.87 15.30
C LEU A 202 14.67 -13.36 16.65
N THR A 203 15.58 -12.79 17.45
CA THR A 203 15.28 -12.40 18.82
C THR A 203 14.33 -11.20 18.83
N GLU A 204 13.18 -11.35 19.47
CA GLU A 204 12.20 -10.28 19.48
C GLU A 204 11.34 -10.40 20.74
N ALA A 205 10.26 -9.65 20.77
CA ALA A 205 9.27 -9.68 21.85
C ALA A 205 9.86 -9.55 23.26
N PRO A 206 10.69 -8.56 23.53
CA PRO A 206 11.29 -8.45 24.87
C PRO A 206 10.27 -8.04 25.93
N HIS A 207 10.30 -8.73 27.06
CA HIS A 207 9.56 -8.32 28.26
C HIS A 207 10.50 -8.46 29.44
N LEU A 208 10.53 -7.43 30.28
CA LEU A 208 11.41 -7.40 31.43
C LEU A 208 10.59 -7.61 32.69
N TYR A 209 11.13 -8.40 33.62
CA TYR A 209 10.54 -8.67 34.92
C TYR A 209 11.63 -8.62 35.96
N HIS A 210 11.34 -7.97 37.09
CA HIS A 210 12.22 -7.99 38.24
C HIS A 210 11.61 -8.94 39.27
N ILE A 211 12.25 -10.08 39.47
CA ILE A 211 11.72 -11.14 40.33
C ILE A 211 12.83 -11.58 41.28
N GLY A 212 12.59 -11.43 42.57
CA GLY A 212 13.60 -11.83 43.53
C GLY A 212 14.85 -11.00 43.34
N ASP A 213 15.97 -11.69 43.07
CA ASP A 213 17.28 -11.05 42.99
C ASP A 213 17.70 -10.74 41.56
N TYR A 214 16.84 -10.96 40.56
CA TYR A 214 17.28 -10.82 39.18
C TYR A 214 16.27 -10.03 38.35
N TYR A 215 16.79 -9.37 37.33
CA TYR A 215 15.99 -8.96 36.19
C TYR A 215 15.90 -10.13 35.22
N TYR A 216 14.69 -10.47 34.79
CA TYR A 216 14.47 -11.55 33.84
C TYR A 216 14.04 -10.96 32.51
N LEU A 217 14.78 -11.26 31.45
CA LEU A 217 14.44 -10.82 30.11
C LEU A 217 13.87 -11.99 29.32
N LEU A 218 12.60 -11.89 28.96
CA LEU A 218 11.91 -12.89 28.17
C LEU A 218 11.87 -12.41 26.73
N THR A 219 12.19 -13.29 25.79
CA THR A 219 12.14 -12.95 24.38
C THR A 219 11.52 -14.09 23.57
N ALA A 220 11.10 -13.76 22.36
CA ALA A 220 10.74 -14.78 21.38
C ALA A 220 11.92 -14.98 20.44
N GLU A 221 12.08 -16.20 19.95
CA GLU A 221 13.12 -16.50 18.98
C GLU A 221 12.59 -17.51 17.97
N GLY A 222 13.30 -17.67 16.86
CA GLY A 222 12.96 -18.68 15.87
C GLY A 222 11.93 -18.27 14.85
N GLY A 223 11.32 -17.10 14.99
CA GLY A 223 10.29 -16.67 14.08
C GLY A 223 8.95 -17.33 14.41
N THR A 224 7.87 -16.67 14.01
CA THR A 224 6.55 -17.10 14.45
C THR A 224 5.96 -18.23 13.60
N ARG A 225 6.76 -18.96 12.80
CA ARG A 225 6.28 -20.18 12.18
C ARG A 225 6.65 -21.36 13.07
N TYR A 226 7.02 -22.51 12.51
CA TYR A 226 7.08 -23.71 13.35
C TYR A 226 8.37 -23.85 14.15
N GLU A 227 9.33 -22.93 14.00
CA GLU A 227 10.51 -22.93 14.86
C GLU A 227 10.38 -21.97 16.04
N HIS A 228 9.20 -21.41 16.25
CA HIS A 228 8.97 -20.43 17.31
C HIS A 228 9.39 -20.97 18.65
N ALA A 229 9.91 -20.08 19.50
CA ALA A 229 10.32 -20.43 20.85
C ALA A 229 10.28 -19.19 21.74
N ALA A 230 10.19 -19.43 23.05
CA ALA A 230 10.37 -18.39 24.05
C ALA A 230 11.64 -18.69 24.82
N THR A 231 12.55 -17.72 24.87
CA THR A 231 13.77 -17.87 25.66
C THR A 231 13.76 -16.89 26.84
N ILE A 232 14.45 -17.25 27.91
CA ILE A 232 14.51 -16.39 29.08
C ILE A 232 15.95 -16.30 29.57
N ALA A 233 16.29 -15.13 30.10
CA ALA A 233 17.64 -14.86 30.57
C ALA A 233 17.52 -14.00 31.81
N ARG A 234 18.60 -13.94 32.59
CA ARG A 234 18.54 -13.16 33.81
C ARG A 234 19.86 -12.44 34.05
N SER A 235 19.76 -11.34 34.78
CA SER A 235 20.90 -10.51 35.09
C SER A 235 20.64 -9.85 36.43
N SER A 236 21.72 -9.64 37.19
CA SER A 236 21.51 -8.85 38.38
C SER A 236 21.32 -7.39 38.05
N HIS A 237 21.60 -6.97 36.82
CA HIS A 237 21.69 -5.56 36.55
C HIS A 237 20.84 -5.31 35.31
N ILE A 238 20.22 -4.14 35.18
CA ILE A 238 19.20 -4.06 34.15
C ILE A 238 19.82 -4.02 32.75
N GLU A 239 21.03 -3.49 32.62
CA GLU A 239 21.69 -3.37 31.34
C GLU A 239 22.49 -4.63 30.99
N GLY A 240 22.38 -5.69 31.78
CA GLY A 240 23.09 -6.90 31.50
C GLY A 240 24.40 -6.98 32.24
N PRO A 241 25.25 -7.95 31.86
CA PRO A 241 24.98 -8.97 30.85
C PRO A 241 23.98 -10.03 31.31
N TYR A 242 23.14 -10.50 30.39
CA TYR A 242 22.13 -11.47 30.71
C TYR A 242 22.65 -12.88 30.49
N GLU A 243 22.33 -13.76 31.43
CA GLU A 243 22.71 -15.15 31.34
C GLU A 243 21.51 -15.96 30.91
N VAL A 244 21.71 -16.86 29.94
CA VAL A 244 20.59 -17.61 29.38
C VAL A 244 20.26 -18.81 30.27
N HIS A 245 18.96 -19.07 30.43
CA HIS A 245 18.36 -20.24 31.06
C HIS A 245 19.09 -21.52 30.65
N PRO A 246 19.43 -22.38 31.61
CA PRO A 246 20.23 -23.58 31.27
C PRO A 246 19.48 -24.62 30.44
N ASP A 247 18.15 -24.61 30.44
CA ASP A 247 17.35 -25.51 29.60
C ASP A 247 16.55 -24.73 28.57
N ASN A 248 17.17 -23.69 28.02
CA ASN A 248 16.52 -22.85 27.03
C ASN A 248 16.24 -23.65 25.75
N PRO A 249 15.12 -23.40 25.06
CA PRO A 249 14.06 -22.43 25.36
C PRO A 249 13.09 -22.96 26.42
N ILE A 250 12.37 -22.06 27.09
CA ILE A 250 11.40 -22.53 28.06
C ILE A 250 10.08 -22.91 27.40
N VAL A 251 9.81 -22.40 26.20
CA VAL A 251 8.60 -22.74 25.44
C VAL A 251 9.00 -22.99 23.99
N SER A 252 8.56 -24.12 23.43
CA SER A 252 8.72 -24.42 22.01
C SER A 252 8.13 -25.79 21.68
N ALA A 253 7.49 -25.90 20.53
CA ALA A 253 7.04 -27.17 20.00
C ALA A 253 7.86 -27.61 18.80
N PHE A 254 9.01 -26.96 18.58
CA PHE A 254 9.81 -27.27 17.39
C PHE A 254 10.09 -28.76 17.27
N HIS A 255 10.41 -29.42 18.38
CA HIS A 255 10.84 -30.81 18.37
C HIS A 255 9.70 -31.81 18.26
N VAL A 256 8.44 -31.39 18.41
CA VAL A 256 7.31 -32.33 18.41
C VAL A 256 6.29 -31.98 17.33
N PRO A 257 6.52 -32.38 16.08
CA PRO A 257 5.60 -32.00 15.01
C PRO A 257 4.18 -32.49 15.18
N GLU A 258 3.94 -33.53 15.98
CA GLU A 258 2.60 -34.07 16.18
C GLU A 258 1.84 -33.39 17.30
N HIS A 259 2.51 -32.56 18.09
CA HIS A 259 1.87 -31.93 19.23
C HIS A 259 0.69 -31.06 18.77
N PRO A 260 -0.41 -31.03 19.50
CA PRO A 260 -1.57 -30.23 19.07
C PRO A 260 -1.33 -28.73 19.14
N LEU A 261 -0.40 -28.26 19.96
CA LEU A 261 -0.01 -26.85 19.98
C LEU A 261 1.29 -26.71 19.19
N GLN A 262 1.31 -25.77 18.25
CA GLN A 262 2.48 -25.48 17.43
C GLN A 262 2.78 -24.00 17.46
N LYS A 263 3.95 -23.62 16.91
CA LYS A 263 4.38 -22.23 16.84
C LYS A 263 4.38 -21.57 18.21
N CYS A 264 4.76 -22.32 19.24
CA CYS A 264 4.64 -21.84 20.61
C CYS A 264 5.78 -20.88 20.95
N GLY A 265 5.43 -19.66 21.30
CA GLY A 265 6.42 -18.63 21.57
C GLY A 265 5.71 -17.31 21.82
N HIS A 266 6.51 -16.23 21.86
CA HIS A 266 6.02 -14.89 22.17
C HIS A 266 5.23 -14.89 23.47
N ALA A 267 5.95 -15.09 24.56
CA ALA A 267 5.34 -15.28 25.86
C ALA A 267 5.36 -14.01 26.69
N SER A 268 4.46 -13.97 27.68
CA SER A 268 4.52 -13.01 28.77
C SER A 268 4.09 -13.73 30.04
N ILE A 269 4.60 -13.27 31.17
CA ILE A 269 4.52 -13.98 32.44
C ILE A 269 3.66 -13.15 33.39
N VAL A 270 2.83 -13.83 34.16
CA VAL A 270 2.07 -13.15 35.21
C VAL A 270 2.22 -13.94 36.51
N GLN A 271 2.32 -13.22 37.62
CA GLN A 271 2.21 -13.78 38.96
C GLN A 271 0.82 -13.45 39.47
N THR A 272 0.04 -14.47 39.80
CA THR A 272 -1.30 -14.24 40.28
C THR A 272 -1.27 -13.67 41.69
N HIS A 273 -2.42 -13.10 42.09
CA HIS A 273 -2.59 -12.62 43.46
C HIS A 273 -2.61 -13.76 44.47
N THR A 274 -2.70 -15.01 44.02
CA THR A 274 -2.52 -16.18 44.86
C THR A 274 -1.08 -16.68 44.84
N ASN A 275 -0.15 -15.87 44.36
CA ASN A 275 1.27 -16.23 44.29
C ASN A 275 1.48 -17.53 43.52
N GLU A 276 0.87 -17.61 42.33
CA GLU A 276 1.14 -18.66 41.38
C GLU A 276 1.65 -18.03 40.10
N TRP A 277 2.37 -18.78 39.29
CA TRP A 277 3.07 -18.23 38.15
C TRP A 277 2.52 -18.83 36.88
N TYR A 278 2.19 -17.98 35.90
CA TYR A 278 1.65 -18.45 34.64
C TYR A 278 2.29 -17.70 33.49
N LEU A 279 2.20 -18.32 32.31
CA LEU A 279 2.82 -17.84 31.10
C LEU A 279 1.78 -17.89 29.98
N ALA A 280 1.50 -16.75 29.37
CA ALA A 280 0.66 -16.70 28.17
C ALA A 280 1.59 -16.70 26.95
N HIS A 281 1.19 -17.41 25.91
CA HIS A 281 2.00 -17.45 24.69
C HIS A 281 1.09 -17.70 23.50
N LEU A 282 1.56 -17.36 22.31
CA LEU A 282 0.73 -17.66 21.15
C LEU A 282 0.99 -19.09 20.68
N THR A 283 0.03 -19.62 19.93
CA THR A 283 0.16 -20.97 19.39
C THR A 283 -0.73 -21.07 18.16
N GLY A 284 -0.46 -22.07 17.34
CA GLY A 284 -1.31 -22.38 16.21
C GLY A 284 -1.74 -23.83 16.25
N ARG A 285 -2.92 -24.10 15.69
CA ARG A 285 -3.50 -25.44 15.65
C ARG A 285 -3.64 -25.87 14.20
N PRO A 286 -2.65 -26.55 13.63
CA PRO A 286 -2.66 -26.76 12.18
C PRO A 286 -3.55 -27.91 11.73
N ILE A 287 -4.10 -27.74 10.53
CA ILE A 287 -4.69 -28.81 9.74
C ILE A 287 -3.57 -29.45 8.92
N GLN A 288 -3.54 -30.79 8.88
CA GLN A 288 -2.49 -31.48 8.14
C GLN A 288 -3.03 -32.12 6.87
N SER A 289 -2.10 -32.42 5.96
CA SER A 289 -2.41 -33.10 4.70
C SER A 289 -2.08 -34.59 4.84
N SER A 290 -3.01 -35.44 4.42
CA SER A 290 -2.75 -36.88 4.55
C SER A 290 -1.71 -37.36 3.54
N LYS A 291 -1.44 -36.60 2.51
CA LYS A 291 -0.45 -37.04 1.52
C LYS A 291 0.97 -36.58 1.87
N GLU A 292 1.15 -35.86 2.98
CA GLU A 292 2.46 -35.33 3.34
C GLU A 292 2.90 -35.81 4.73
N SER A 293 4.21 -35.75 4.95
CA SER A 293 4.75 -36.00 6.28
C SER A 293 4.64 -34.76 7.15
N ILE A 294 4.05 -34.90 8.34
CA ILE A 294 3.92 -33.76 9.24
C ILE A 294 5.27 -33.26 9.68
N PHE A 295 6.31 -34.08 9.55
CA PHE A 295 7.66 -33.63 9.89
C PHE A 295 8.21 -32.69 8.84
N GLN A 296 7.67 -32.75 7.63
CA GLN A 296 8.06 -31.85 6.55
C GLN A 296 7.08 -30.72 6.34
N GLN A 297 5.78 -31.00 6.44
CA GLN A 297 4.71 -30.02 6.27
C GLN A 297 3.90 -30.02 7.57
N ARG A 298 4.26 -29.14 8.50
CA ARG A 298 3.62 -29.13 9.81
C ARG A 298 2.13 -28.83 9.73
N GLY A 299 1.69 -28.11 8.69
CA GLY A 299 0.27 -27.93 8.47
C GLY A 299 -0.07 -26.48 8.25
N TRP A 300 -1.38 -26.20 8.18
CA TRP A 300 -1.91 -24.88 7.89
C TRP A 300 -2.89 -24.46 8.97
N CYS A 301 -2.87 -23.18 9.34
CA CYS A 301 -3.64 -22.64 10.46
C CYS A 301 -4.66 -21.60 10.00
N PRO A 302 -5.85 -22.01 9.58
CA PRO A 302 -6.87 -21.01 9.20
C PRO A 302 -7.39 -20.17 10.37
N LEU A 303 -7.34 -20.68 11.61
CA LEU A 303 -7.67 -19.80 12.72
C LEU A 303 -6.49 -18.91 13.13
N GLY A 304 -5.41 -18.93 12.36
CA GLY A 304 -4.29 -18.06 12.66
C GLY A 304 -3.62 -18.46 13.96
N ARG A 305 -3.02 -17.48 14.62
CA ARG A 305 -2.33 -17.69 15.88
C ARG A 305 -3.24 -17.32 17.03
N GLU A 306 -3.38 -18.24 17.98
CA GLU A 306 -4.27 -18.13 19.14
C GLU A 306 -3.41 -17.97 20.38
N THR A 307 -4.03 -17.76 21.54
CA THR A 307 -3.29 -17.55 22.77
C THR A 307 -3.58 -18.68 23.75
N ALA A 308 -2.52 -19.25 24.34
CA ALA A 308 -2.63 -20.31 25.32
C ALA A 308 -1.94 -19.87 26.60
N ILE A 309 -2.25 -20.55 27.71
CA ILE A 309 -1.67 -20.22 29.00
C ILE A 309 -1.09 -21.48 29.63
N GLN A 310 0.15 -21.41 30.06
CA GLN A 310 0.83 -22.53 30.71
C GLN A 310 1.12 -22.17 32.17
N LYS A 311 1.29 -23.20 32.98
CA LYS A 311 1.67 -23.00 34.38
C LYS A 311 3.19 -23.06 34.51
N LEU A 312 3.74 -22.22 35.36
CA LEU A 312 5.17 -22.21 35.64
C LEU A 312 5.46 -22.76 37.04
N GLU A 313 6.65 -23.35 37.18
CA GLU A 313 7.24 -23.69 38.47
C GLU A 313 8.67 -23.19 38.48
N TRP A 314 9.22 -22.94 39.66
CA TRP A 314 10.55 -22.37 39.77
C TRP A 314 11.54 -23.37 40.35
N LYS A 315 12.80 -23.27 39.91
CA LYS A 315 13.86 -24.12 40.44
C LYS A 315 15.20 -23.43 40.22
N ASP A 316 15.97 -23.24 41.29
CA ASP A 316 17.30 -22.63 41.20
C ASP A 316 17.26 -21.26 40.54
N GLY A 317 16.19 -20.50 40.79
CA GLY A 317 16.06 -19.18 40.23
C GLY A 317 15.68 -19.14 38.76
N TRP A 318 15.18 -20.24 38.19
CA TRP A 318 14.75 -20.28 36.80
C TRP A 318 13.32 -20.83 36.68
N PRO A 319 12.47 -20.23 35.84
CA PRO A 319 11.14 -20.80 35.61
C PRO A 319 11.15 -21.92 34.58
N TYR A 320 10.19 -22.83 34.75
CA TYR A 320 9.99 -23.97 33.87
C TYR A 320 8.50 -24.12 33.58
N VAL A 321 8.17 -24.53 32.36
CA VAL A 321 6.78 -24.77 31.99
C VAL A 321 6.38 -26.14 32.50
N VAL A 322 5.33 -26.18 33.32
CA VAL A 322 4.81 -27.42 33.89
C VAL A 322 4.30 -28.31 32.77
N GLY A 323 4.83 -29.53 32.69
CA GLY A 323 4.42 -30.46 31.67
C GLY A 323 5.31 -30.50 30.46
N GLY A 324 6.32 -29.64 30.40
CA GLY A 324 7.20 -29.69 29.26
C GLY A 324 7.08 -28.42 28.42
N LYS A 325 8.16 -28.10 27.69
CA LYS A 325 8.21 -26.83 27.01
C LYS A 325 7.27 -26.74 25.81
N GLU A 326 6.74 -27.86 25.32
CA GLU A 326 5.80 -27.78 24.20
C GLU A 326 4.40 -27.42 24.64
N GLY A 327 4.14 -27.34 25.95
CA GLY A 327 2.86 -26.88 26.44
C GLY A 327 1.82 -27.98 26.51
N THR A 328 0.76 -27.70 27.26
CA THR A 328 -0.29 -28.67 27.51
C THR A 328 -1.62 -28.06 27.10
N LEU A 329 -2.56 -28.92 26.69
CA LEU A 329 -3.89 -28.44 26.35
C LEU A 329 -4.70 -28.11 27.59
N GLU A 330 -4.58 -28.92 28.64
CA GLU A 330 -5.34 -28.71 29.87
C GLU A 330 -4.36 -28.44 30.99
N VAL A 331 -4.50 -27.28 31.62
CA VAL A 331 -3.51 -26.75 32.54
C VAL A 331 -4.20 -26.46 33.87
N GLU A 332 -3.52 -26.77 34.97
CA GLU A 332 -4.10 -26.55 36.30
C GLU A 332 -4.39 -25.06 36.53
N ALA A 333 -5.64 -24.74 36.83
CA ALA A 333 -6.05 -23.36 37.06
C ALA A 333 -5.52 -22.84 38.40
N PRO A 334 -5.38 -21.52 38.54
CA PRO A 334 -5.03 -20.98 39.84
C PRO A 334 -6.17 -21.18 40.83
N LYS A 335 -5.79 -21.17 42.10
CA LYS A 335 -6.68 -21.36 43.24
C LYS A 335 -7.51 -20.09 43.35
N ILE A 336 -8.39 -19.84 42.39
CA ILE A 336 -9.20 -18.64 42.39
C ILE A 336 -10.64 -19.07 42.13
N GLU A 337 -11.58 -18.42 42.80
CA GLU A 337 -12.98 -18.76 42.58
C GLU A 337 -13.34 -18.54 41.12
N GLU A 338 -14.09 -19.50 40.56
CA GLU A 338 -14.48 -19.46 39.17
C GLU A 338 -15.42 -18.29 38.89
N LYS A 339 -15.21 -17.63 37.75
CA LYS A 339 -16.09 -16.58 37.25
C LYS A 339 -16.32 -16.85 35.78
N VAL A 340 -17.51 -17.33 35.45
CA VAL A 340 -17.88 -17.60 34.06
C VAL A 340 -18.57 -16.36 33.50
N PHE A 341 -18.26 -16.01 32.24
CA PHE A 341 -18.91 -14.86 31.61
C PHE A 341 -19.95 -15.31 30.60
N ALA A 342 -21.00 -14.49 30.45
CA ALA A 342 -22.00 -14.67 29.41
C ALA A 342 -21.45 -14.18 28.07
N PRO A 343 -22.02 -14.64 26.95
CA PRO A 343 -21.49 -14.24 25.62
C PRO A 343 -21.52 -12.73 25.41
N THR A 344 -20.53 -12.25 24.66
CA THR A 344 -20.44 -10.85 24.30
C THR A 344 -20.87 -10.58 22.85
N TYR A 345 -21.44 -11.58 22.17
CA TYR A 345 -22.06 -11.34 20.87
C TYR A 345 -23.36 -12.14 20.81
N HIS A 346 -24.23 -11.79 19.88
CA HIS A 346 -25.47 -12.52 19.68
C HIS A 346 -25.26 -13.57 18.59
N THR A 347 -25.74 -14.79 18.85
CA THR A 347 -25.63 -15.83 17.84
C THR A 347 -26.30 -15.39 16.55
N VAL A 348 -27.46 -14.73 16.65
CA VAL A 348 -28.08 -14.06 15.52
C VAL A 348 -28.11 -12.59 15.86
N ASP A 349 -27.26 -11.81 15.20
CA ASP A 349 -27.26 -10.36 15.37
C ASP A 349 -28.25 -9.78 14.37
N GLU A 350 -29.34 -9.22 14.88
CA GLU A 350 -30.34 -8.60 14.02
C GLU A 350 -30.07 -7.13 13.73
N PHE A 351 -28.96 -6.59 14.22
CA PHE A 351 -28.58 -5.19 13.96
C PHE A 351 -29.62 -4.23 14.48
N LYS A 352 -30.21 -4.56 15.63
CA LYS A 352 -31.14 -3.66 16.29
C LYS A 352 -30.44 -2.58 17.10
N GLU A 353 -29.18 -2.78 17.42
CA GLU A 353 -28.40 -1.78 18.15
C GLU A 353 -27.73 -0.81 17.21
N SER A 354 -27.47 0.39 17.72
CA SER A 354 -26.85 1.46 16.94
C SER A 354 -25.33 1.38 16.93
N THR A 355 -24.73 0.44 17.66
CA THR A 355 -23.29 0.23 17.62
C THR A 355 -23.03 -1.16 17.05
N LEU A 356 -22.01 -1.27 16.21
CA LEU A 356 -21.60 -2.57 15.72
C LEU A 356 -21.04 -3.38 16.88
N ASN A 357 -21.51 -4.62 17.00
CA ASN A 357 -21.02 -5.49 18.07
C ASN A 357 -19.50 -5.59 18.05
N ARG A 358 -18.92 -5.71 19.25
CA ARG A 358 -17.47 -5.65 19.48
C ARG A 358 -16.69 -6.76 18.79
N HIS A 359 -17.35 -7.81 18.31
CA HIS A 359 -16.65 -8.86 17.60
C HIS A 359 -16.54 -8.59 16.11
N PHE A 360 -17.19 -7.53 15.62
CA PHE A 360 -17.06 -7.12 14.23
C PHE A 360 -15.93 -6.12 14.09
N GLN A 361 -15.15 -6.25 13.02
CA GLN A 361 -14.13 -5.25 12.73
C GLN A 361 -14.24 -4.87 11.26
N THR A 362 -13.62 -3.73 10.91
CA THR A 362 -13.46 -3.32 9.53
C THR A 362 -11.96 -3.32 9.21
N LEU A 363 -11.66 -3.23 7.93
CA LEU A 363 -10.28 -3.22 7.48
C LEU A 363 -9.75 -1.79 7.55
N ARG A 364 -8.72 -1.59 8.35
CA ARG A 364 -7.87 -0.41 8.29
C ARG A 364 -8.50 0.88 8.81
N ILE A 365 -9.79 1.10 8.58
CA ILE A 365 -10.38 2.42 8.79
C ILE A 365 -11.61 2.29 9.70
N PRO A 366 -12.00 3.40 10.33
CA PRO A 366 -13.20 3.38 11.16
C PRO A 366 -14.46 3.09 10.35
N PHE A 367 -15.43 2.50 11.03
CA PHE A 367 -16.76 2.31 10.45
C PHE A 367 -17.49 3.65 10.59
N THR A 368 -17.62 4.37 9.50
CA THR A 368 -18.27 5.67 9.47
C THR A 368 -19.40 5.65 8.45
N ASP A 369 -20.11 6.78 8.38
CA ASP A 369 -21.23 6.93 7.47
C ASP A 369 -20.83 6.80 6.02
N GLN A 370 -19.54 6.87 5.70
CA GLN A 370 -19.08 6.68 4.33
C GLN A 370 -18.95 5.21 3.94
N ILE A 371 -18.99 4.27 4.88
CA ILE A 371 -18.93 2.88 4.45
C ILE A 371 -20.20 2.14 4.86
N GLY A 372 -20.87 2.59 5.92
CA GLY A 372 -22.08 1.88 6.30
C GLY A 372 -22.84 2.63 7.37
N SER A 373 -24.00 2.08 7.71
CA SER A 373 -24.86 2.71 8.71
C SER A 373 -25.73 1.67 9.38
N LEU A 374 -25.95 1.85 10.68
CA LEU A 374 -26.94 1.08 11.43
C LEU A 374 -28.23 1.86 11.67
N THR A 375 -28.32 3.10 11.20
CA THR A 375 -29.52 3.89 11.43
C THR A 375 -30.29 4.26 10.18
N GLU A 376 -29.66 4.30 9.00
CA GLU A 376 -30.37 4.65 7.77
C GLU A 376 -31.48 3.66 7.44
N LYS A 377 -31.23 2.37 7.64
CA LYS A 377 -32.21 1.32 7.36
C LYS A 377 -32.36 0.52 8.64
N PRO A 378 -33.36 0.82 9.46
CA PRO A 378 -33.41 0.25 10.80
C PRO A 378 -33.48 -1.27 10.77
N GLN A 379 -32.82 -1.90 11.74
CA GLN A 379 -32.74 -3.35 11.88
C GLN A 379 -31.96 -3.99 10.74
N HIS A 380 -31.24 -3.20 9.96
CA HIS A 380 -30.31 -3.68 8.95
C HIS A 380 -28.96 -3.03 9.16
N LEU A 381 -27.93 -3.76 8.76
CA LEU A 381 -26.62 -3.17 8.53
C LEU A 381 -26.60 -2.76 7.06
N ARG A 382 -26.53 -1.47 6.80
CA ARG A 382 -26.45 -0.95 5.45
C ARG A 382 -24.99 -0.70 5.13
N LEU A 383 -24.50 -1.30 4.05
CA LEU A 383 -23.13 -1.06 3.58
C LEU A 383 -23.20 -0.39 2.22
N PHE A 384 -22.50 0.73 2.09
CA PHE A 384 -22.42 1.44 0.82
C PHE A 384 -21.29 0.86 -0.01
N GLY A 385 -21.60 0.43 -1.22
CA GLY A 385 -20.58 -0.19 -2.04
C GLY A 385 -19.36 0.70 -2.28
N ARG A 386 -18.20 0.28 -1.78
CA ARG A 386 -16.97 1.01 -2.03
C ARG A 386 -16.03 0.12 -2.83
N GLU A 387 -14.77 0.03 -2.43
CA GLU A 387 -13.76 -0.61 -3.29
C GLU A 387 -13.79 -2.12 -3.16
N SER A 388 -13.15 -2.79 -4.11
CA SER A 388 -13.14 -4.24 -4.18
C SER A 388 -12.39 -4.85 -2.98
N LEU A 389 -12.52 -6.18 -2.85
CA LEU A 389 -11.81 -6.88 -1.79
C LEU A 389 -10.31 -6.87 -1.92
N THR A 390 -9.77 -6.42 -3.06
CA THR A 390 -8.31 -6.37 -3.24
C THR A 390 -7.72 -5.03 -2.84
N SER A 391 -8.54 -4.08 -2.37
CA SER A 391 -8.10 -2.74 -2.05
C SER A 391 -7.63 -2.61 -0.60
N LYS A 392 -6.46 -1.99 -0.43
CA LYS A 392 -5.96 -1.66 0.90
C LYS A 392 -6.44 -0.30 1.37
N PHE A 393 -7.47 0.24 0.74
CA PHE A 393 -7.89 1.59 1.11
C PHE A 393 -9.26 1.61 1.76
N THR A 394 -10.34 1.61 0.99
CA THR A 394 -11.66 1.82 1.55
C THR A 394 -12.58 0.67 1.15
N GLN A 395 -12.72 -0.31 2.02
CA GLN A 395 -13.61 -1.44 1.81
C GLN A 395 -14.81 -1.36 2.75
N ALA A 396 -16.01 -1.52 2.18
CA ALA A 396 -17.23 -1.65 2.99
C ALA A 396 -17.41 -3.13 3.30
N PHE A 397 -16.67 -3.56 4.32
CA PHE A 397 -16.57 -4.96 4.68
C PHE A 397 -16.57 -5.00 6.21
N VAL A 398 -17.52 -5.72 6.79
CA VAL A 398 -17.68 -5.84 8.23
C VAL A 398 -17.58 -7.32 8.57
N ALA A 399 -16.60 -7.69 9.40
CA ALA A 399 -16.28 -9.10 9.51
C ALA A 399 -15.90 -9.49 10.93
N ARG A 400 -15.95 -10.79 11.18
CA ARG A 400 -15.61 -11.34 12.49
C ARG A 400 -14.76 -12.59 12.26
N ARG A 401 -13.99 -12.97 13.28
CA ARG A 401 -13.05 -14.07 13.17
C ARG A 401 -13.73 -15.43 13.05
N TRP A 402 -13.15 -16.30 12.24
CA TRP A 402 -13.30 -17.73 12.43
C TRP A 402 -12.72 -18.10 13.80
N GLN A 403 -13.54 -18.66 14.68
CA GLN A 403 -13.05 -19.02 16.00
C GLN A 403 -13.27 -20.49 16.33
N SER A 404 -13.70 -21.27 15.35
CA SER A 404 -13.89 -22.70 15.49
C SER A 404 -13.60 -23.33 14.13
N PHE A 405 -13.14 -24.57 14.15
CA PHE A 405 -13.02 -25.35 12.94
C PHE A 405 -14.39 -25.77 12.39
N TYR A 406 -15.44 -25.67 13.20
CA TYR A 406 -16.77 -26.13 12.79
C TYR A 406 -17.77 -25.03 13.12
N PHE A 407 -18.35 -24.41 12.10
CA PHE A 407 -19.33 -23.36 12.36
C PHE A 407 -20.14 -23.12 11.10
N GLU A 408 -21.22 -22.38 11.27
CA GLU A 408 -22.00 -21.86 10.17
C GLU A 408 -22.15 -20.38 10.39
N ALA A 409 -22.06 -19.61 9.30
CA ALA A 409 -22.38 -18.21 9.30
C ALA A 409 -23.37 -17.93 8.20
N GLU A 410 -24.26 -16.97 8.44
CA GLU A 410 -25.37 -16.77 7.55
C GLU A 410 -25.80 -15.32 7.59
N THR A 411 -26.23 -14.79 6.45
CA THR A 411 -26.75 -13.44 6.40
C THR A 411 -27.88 -13.39 5.38
N ALA A 412 -28.60 -12.28 5.36
CA ALA A 412 -29.69 -12.08 4.42
C ALA A 412 -29.55 -10.67 3.86
N VAL A 413 -29.48 -10.53 2.54
CA VAL A 413 -29.12 -9.25 1.95
C VAL A 413 -30.19 -8.81 0.97
N SER A 414 -30.59 -7.54 1.09
CA SER A 414 -31.42 -6.85 0.11
C SER A 414 -30.47 -5.99 -0.72
N PHE A 415 -30.35 -6.33 -1.99
CA PHE A 415 -29.39 -5.66 -2.87
C PHE A 415 -29.94 -5.72 -4.28
N PHE A 416 -29.98 -4.59 -4.95
CA PHE A 416 -30.53 -4.51 -6.30
C PHE A 416 -29.53 -3.83 -7.24
N PRO A 417 -28.49 -4.56 -7.64
CA PRO A 417 -27.46 -3.96 -8.49
C PRO A 417 -28.01 -3.66 -9.88
N GLU A 418 -27.49 -2.58 -10.46
CA GLU A 418 -27.88 -2.15 -11.78
C GLU A 418 -26.80 -2.33 -12.83
N ASN A 419 -25.56 -2.62 -12.44
CA ASN A 419 -24.51 -2.87 -13.42
C ASN A 419 -23.56 -3.92 -12.86
N PHE A 420 -22.71 -4.45 -13.74
CA PHE A 420 -21.85 -5.58 -13.36
C PHE A 420 -20.77 -5.20 -12.36
N GLN A 421 -20.58 -3.92 -12.07
CA GLN A 421 -19.56 -3.46 -11.14
C GLN A 421 -20.09 -3.32 -9.72
N GLN A 422 -21.29 -3.83 -9.46
CA GLN A 422 -21.90 -3.76 -8.13
C GLN A 422 -22.13 -5.18 -7.63
N ALA A 423 -21.66 -5.47 -6.42
CA ALA A 423 -21.86 -6.79 -5.84
C ALA A 423 -21.88 -6.70 -4.33
N ALA A 424 -22.65 -7.59 -3.69
CA ALA A 424 -22.67 -7.61 -2.23
C ALA A 424 -23.01 -9.00 -1.72
N GLY A 425 -22.45 -9.36 -0.59
CA GLY A 425 -22.80 -10.65 -0.06
C GLY A 425 -21.91 -11.08 1.08
N LEU A 426 -21.57 -12.37 1.08
CA LEU A 426 -20.94 -13.05 2.19
C LEU A 426 -19.53 -13.41 1.77
N VAL A 427 -18.54 -13.07 2.60
CA VAL A 427 -17.13 -13.17 2.24
C VAL A 427 -16.39 -13.95 3.33
N ASN A 428 -15.52 -14.85 2.91
CA ASN A 428 -14.50 -15.41 3.79
C ASN A 428 -13.15 -14.89 3.31
N TYR A 429 -12.34 -14.36 4.23
CA TYR A 429 -11.30 -13.42 3.88
C TYR A 429 -10.09 -13.68 4.76
N TYR A 430 -8.92 -13.77 4.15
CA TYR A 430 -7.65 -13.68 4.88
C TYR A 430 -6.97 -12.34 4.63
N ASN A 431 -6.69 -11.99 3.38
CA ASN A 431 -6.11 -10.68 3.10
C ASN A 431 -6.58 -10.25 1.72
N THR A 432 -6.02 -9.14 1.21
CA THR A 432 -6.53 -8.54 -0.03
C THR A 432 -6.34 -9.46 -1.22
N GLU A 433 -5.43 -10.44 -1.12
CA GLU A 433 -5.13 -11.36 -2.21
C GLU A 433 -5.75 -12.75 -2.01
N ASN A 434 -6.47 -12.96 -0.90
CA ASN A 434 -6.86 -14.31 -0.51
C ASN A 434 -8.23 -14.26 0.15
N TRP A 435 -9.25 -14.64 -0.61
CA TRP A 435 -10.62 -14.58 -0.12
C TRP A 435 -11.53 -15.32 -1.10
N THR A 436 -12.73 -15.63 -0.62
CA THR A 436 -13.83 -16.09 -1.46
C THR A 436 -15.06 -15.28 -1.10
N ALA A 437 -15.97 -15.12 -2.07
CA ALA A 437 -17.16 -14.30 -1.87
C ALA A 437 -18.31 -14.90 -2.66
N LEU A 438 -19.47 -14.95 -2.02
CA LEU A 438 -20.74 -15.29 -2.66
C LEU A 438 -21.56 -14.01 -2.68
N GLN A 439 -21.77 -13.44 -3.86
CA GLN A 439 -22.32 -12.10 -3.96
C GLN A 439 -23.47 -12.02 -4.95
N VAL A 440 -24.46 -11.19 -4.61
CA VAL A 440 -25.50 -10.76 -5.53
C VAL A 440 -24.90 -9.70 -6.44
N THR A 441 -24.94 -9.93 -7.75
CA THR A 441 -24.44 -8.95 -8.70
C THR A 441 -25.42 -8.88 -9.87
N TYR A 442 -25.00 -8.22 -10.93
CA TYR A 442 -25.88 -7.96 -12.07
C TYR A 442 -25.18 -8.43 -13.34
N ASP A 443 -25.95 -9.09 -14.20
CA ASP A 443 -25.48 -9.54 -15.51
C ASP A 443 -26.29 -8.85 -16.59
N GLU A 444 -25.59 -8.35 -17.63
CA GLU A 444 -26.22 -7.52 -18.66
C GLU A 444 -27.34 -8.25 -19.38
N GLU A 445 -27.26 -9.58 -19.45
CA GLU A 445 -28.25 -10.39 -20.14
C GLU A 445 -29.26 -11.02 -19.22
N LEU A 446 -28.86 -11.48 -18.02
CA LEU A 446 -29.76 -12.23 -17.15
C LEU A 446 -30.30 -11.43 -15.97
N GLY A 447 -29.81 -10.22 -15.74
CA GLY A 447 -30.27 -9.44 -14.60
C GLY A 447 -29.53 -9.81 -13.32
N ARG A 448 -30.23 -9.66 -12.18
CA ARG A 448 -29.64 -10.01 -10.89
C ARG A 448 -29.25 -11.48 -10.87
N THR A 449 -28.00 -11.74 -10.47
CA THR A 449 -27.49 -13.10 -10.41
C THR A 449 -26.67 -13.29 -9.14
N LEU A 450 -26.44 -14.54 -8.80
CA LEU A 450 -25.62 -14.92 -7.66
C LEU A 450 -24.31 -15.48 -8.19
N GLU A 451 -23.19 -14.89 -7.80
CA GLU A 451 -21.89 -15.24 -8.37
C GLU A 451 -20.89 -15.57 -7.26
N LEU A 452 -20.05 -16.55 -7.54
CA LEU A 452 -18.98 -16.99 -6.66
C LEU A 452 -17.66 -16.44 -7.20
N SER A 453 -16.92 -15.71 -6.38
CA SER A 453 -15.62 -15.17 -6.79
C SER A 453 -14.53 -15.67 -5.85
N VAL A 454 -13.37 -15.98 -6.41
CA VAL A 454 -12.29 -16.61 -5.67
C VAL A 454 -10.99 -15.88 -5.96
N CYS A 455 -10.30 -15.42 -4.92
CA CYS A 455 -8.98 -14.84 -5.07
C CYS A 455 -8.00 -15.68 -4.28
N GLN A 456 -7.03 -16.27 -4.97
CA GLN A 456 -6.06 -17.16 -4.33
C GLN A 456 -4.68 -16.62 -4.67
N ASN A 457 -4.04 -15.98 -3.70
CA ASN A 457 -2.80 -15.24 -3.92
C ASN A 457 -2.89 -14.37 -5.17
N LEU A 458 -4.00 -13.64 -5.28
CA LEU A 458 -4.33 -12.67 -6.32
C LEU A 458 -4.69 -13.31 -7.67
N ALA A 459 -4.64 -14.64 -7.80
CA ALA A 459 -5.22 -15.30 -8.97
C ALA A 459 -6.73 -15.36 -8.81
N PHE A 460 -7.47 -14.79 -9.78
CA PHE A 460 -8.90 -14.58 -9.66
C PHE A 460 -9.66 -15.58 -10.53
N SER A 461 -10.68 -16.21 -9.97
CA SER A 461 -11.51 -17.14 -10.72
C SER A 461 -12.96 -17.01 -10.30
N GLN A 462 -13.85 -17.42 -11.20
CA GLN A 462 -15.28 -17.44 -10.92
C GLN A 462 -15.76 -18.81 -11.36
N PRO A 463 -15.77 -19.78 -10.45
CA PRO A 463 -15.84 -21.19 -10.85
C PRO A 463 -17.23 -21.70 -11.20
N LEU A 464 -18.30 -21.01 -10.85
CA LEU A 464 -19.63 -21.52 -11.19
C LEU A 464 -19.70 -21.83 -12.67
N THR A 465 -20.18 -23.01 -13.00
CA THR A 465 -20.30 -23.39 -14.40
C THR A 465 -21.54 -22.77 -15.05
N HIS A 466 -22.64 -22.63 -14.31
CA HIS A 466 -23.83 -21.98 -14.83
C HIS A 466 -24.26 -20.86 -13.90
N LYS A 467 -24.86 -19.82 -14.49
CA LYS A 467 -25.26 -18.66 -13.71
C LYS A 467 -26.48 -18.98 -12.84
N ILE A 468 -26.54 -18.36 -11.67
CA ILE A 468 -27.67 -18.51 -10.75
C ILE A 468 -28.48 -17.23 -10.86
N ILE A 469 -29.64 -17.31 -11.48
CA ILE A 469 -30.49 -16.15 -11.69
C ILE A 469 -31.38 -15.95 -10.46
N ILE A 470 -31.52 -14.71 -10.03
CA ILE A 470 -32.34 -14.34 -8.88
C ILE A 470 -33.61 -13.68 -9.42
N PRO A 471 -34.79 -14.24 -9.17
CA PRO A 471 -36.02 -13.60 -9.67
C PRO A 471 -36.21 -12.20 -9.10
N ASP A 472 -36.85 -11.33 -9.90
CA ASP A 472 -37.11 -9.97 -9.47
C ASP A 472 -37.95 -9.91 -8.20
N GLU A 473 -38.78 -10.93 -7.95
CA GLU A 473 -39.65 -10.91 -6.78
C GLU A 473 -38.90 -11.15 -5.47
N VAL A 474 -37.62 -11.53 -5.51
CA VAL A 474 -36.93 -11.96 -4.31
C VAL A 474 -36.53 -10.75 -3.48
N THR A 475 -37.14 -10.60 -2.30
CA THR A 475 -36.84 -9.52 -1.37
C THR A 475 -35.42 -9.65 -0.79
N TYR A 476 -35.12 -10.79 -0.16
CA TYR A 476 -33.82 -11.02 0.49
C TYR A 476 -33.22 -12.25 -0.13
N VAL A 477 -31.91 -12.21 -0.33
CA VAL A 477 -31.15 -13.40 -0.69
C VAL A 477 -30.39 -13.83 0.55
N TYR A 478 -30.64 -15.05 1.00
CA TYR A 478 -30.03 -15.62 2.20
C TYR A 478 -28.77 -16.37 1.78
N LEU A 479 -27.67 -16.10 2.47
CA LEU A 479 -26.37 -16.64 2.11
C LEU A 479 -25.79 -17.32 3.35
N LYS A 480 -25.17 -18.48 3.15
CA LYS A 480 -24.66 -19.24 4.28
C LYS A 480 -23.32 -19.85 3.90
N VAL A 481 -22.41 -19.93 4.85
CA VAL A 481 -21.22 -20.75 4.70
C VAL A 481 -21.21 -21.76 5.83
N THR A 482 -20.83 -23.00 5.50
CA THR A 482 -20.70 -24.08 6.45
C THR A 482 -19.26 -24.53 6.43
N VAL A 483 -18.58 -24.38 7.56
CA VAL A 483 -17.17 -24.69 7.68
C VAL A 483 -17.05 -25.99 8.47
N ARG A 484 -16.42 -26.99 7.87
CA ARG A 484 -16.19 -28.29 8.51
C ARG A 484 -14.70 -28.63 8.42
N LYS A 485 -13.89 -27.93 9.23
CA LYS A 485 -12.44 -28.09 9.27
C LYS A 485 -11.77 -27.89 7.91
N GLU A 486 -11.48 -28.96 7.19
CA GLU A 486 -10.70 -28.86 5.96
C GLU A 486 -11.46 -28.19 4.84
N THR A 487 -12.78 -28.27 4.86
CA THR A 487 -13.61 -27.85 3.75
C THR A 487 -14.65 -26.86 4.22
N TYR A 488 -15.05 -25.96 3.33
CA TYR A 488 -16.24 -25.16 3.60
C TYR A 488 -17.00 -25.00 2.29
N LYS A 489 -18.32 -24.82 2.41
CA LYS A 489 -19.18 -24.73 1.23
C LYS A 489 -20.21 -23.65 1.47
N TYR A 490 -20.54 -22.95 0.40
CA TYR A 490 -21.57 -21.92 0.43
C TYR A 490 -22.92 -22.50 0.04
N SER A 491 -23.99 -21.94 0.61
CA SER A 491 -25.37 -22.24 0.25
C SER A 491 -26.14 -20.94 0.15
N TYR A 492 -27.28 -21.01 -0.54
CA TYR A 492 -28.13 -19.84 -0.69
C TYR A 492 -29.59 -20.27 -0.67
N SER A 493 -30.45 -19.28 -0.39
CA SER A 493 -31.88 -19.51 -0.38
C SER A 493 -32.55 -18.21 -0.80
N PHE A 494 -33.71 -18.33 -1.46
CA PHE A 494 -34.53 -17.17 -1.79
C PHE A 494 -35.69 -16.99 -0.83
N ASP A 495 -35.86 -17.90 0.12
CA ASP A 495 -36.99 -17.83 1.04
C ASP A 495 -36.67 -18.21 2.47
N GLN A 496 -35.41 -18.53 2.79
CA GLN A 496 -34.97 -18.97 4.12
C GLN A 496 -35.47 -20.37 4.46
N LYS A 497 -36.37 -20.92 3.65
CA LYS A 497 -36.87 -22.28 3.88
C LYS A 497 -36.07 -23.33 3.11
N GLU A 498 -35.99 -23.22 1.79
CA GLU A 498 -35.31 -24.20 0.97
C GLU A 498 -33.94 -23.69 0.54
N TRP A 499 -32.89 -24.36 1.02
CA TRP A 499 -31.51 -23.98 0.76
C TRP A 499 -30.95 -24.84 -0.37
N LYS A 500 -30.09 -24.24 -1.19
CA LYS A 500 -29.37 -24.97 -2.23
C LYS A 500 -27.89 -24.83 -1.94
N GLU A 501 -27.20 -25.96 -1.78
CA GLU A 501 -25.75 -25.92 -1.59
C GLU A 501 -25.08 -25.73 -2.94
N ILE A 502 -24.05 -24.89 -2.98
CA ILE A 502 -23.24 -24.73 -4.17
C ILE A 502 -22.11 -25.76 -4.11
N ASP A 503 -22.08 -26.65 -5.11
CA ASP A 503 -21.21 -27.82 -5.08
C ASP A 503 -19.79 -27.45 -5.54
N VAL A 504 -19.23 -26.46 -4.87
CA VAL A 504 -17.84 -26.06 -5.02
C VAL A 504 -17.19 -26.12 -3.65
N PRO A 505 -16.37 -27.14 -3.39
CA PRO A 505 -15.78 -27.32 -2.06
C PRO A 505 -14.52 -26.47 -1.93
N PHE A 506 -14.51 -25.59 -0.93
CA PHE A 506 -13.38 -24.71 -0.72
C PHE A 506 -12.47 -25.26 0.37
N GLU A 507 -11.18 -25.07 0.21
CA GLU A 507 -10.22 -25.55 1.19
C GLU A 507 -9.96 -24.45 2.20
N SER A 508 -10.22 -24.78 3.48
CA SER A 508 -9.98 -23.83 4.56
C SER A 508 -8.52 -23.42 4.64
N ILE A 509 -7.60 -24.30 4.25
CA ILE A 509 -6.19 -23.97 4.37
C ILE A 509 -5.81 -22.85 3.44
N HIS A 510 -6.62 -22.53 2.43
CA HIS A 510 -6.28 -21.39 1.58
C HIS A 510 -6.47 -20.07 2.29
N LEU A 511 -7.14 -20.04 3.43
CA LEU A 511 -7.25 -18.82 4.23
C LEU A 511 -6.39 -18.89 5.49
N SER A 512 -5.15 -19.36 5.37
CA SER A 512 -4.32 -19.61 6.54
C SER A 512 -3.01 -18.85 6.45
N ASP A 513 -2.43 -18.56 7.61
CA ASP A 513 -1.11 -17.94 7.68
C ASP A 513 -0.11 -18.68 6.82
N ASP A 514 -0.25 -20.00 6.74
CA ASP A 514 0.76 -20.87 6.15
C ASP A 514 0.60 -21.03 4.64
N PHE A 515 -0.46 -20.50 4.05
CA PHE A 515 -0.68 -20.63 2.61
C PHE A 515 -0.40 -19.35 1.83
N ILE A 516 -0.72 -18.19 2.40
CA ILE A 516 -0.65 -16.94 1.65
C ILE A 516 0.79 -16.49 1.49
N ARG A 517 1.06 -15.83 0.35
CA ARG A 517 2.36 -15.32 0.00
C ARG A 517 2.60 -13.95 0.62
N GLY A 518 3.86 -13.54 0.65
CA GLY A 518 4.23 -12.21 1.07
C GLY A 518 4.82 -12.16 2.47
N GLY A 519 5.32 -10.98 2.82
CA GLY A 519 6.07 -10.81 4.07
C GLY A 519 5.23 -10.74 5.32
N GLY A 520 3.92 -10.53 5.17
CA GLY A 520 3.03 -10.46 6.31
C GLY A 520 2.00 -11.56 6.27
N PHE A 521 2.00 -12.40 7.31
CA PHE A 521 1.16 -13.60 7.36
C PHE A 521 0.70 -13.82 8.79
N PHE A 522 0.12 -12.76 9.39
CA PHE A 522 0.02 -12.71 10.84
C PHE A 522 -1.42 -12.62 11.37
N THR A 523 -2.42 -12.79 10.51
CA THR A 523 -3.80 -12.65 10.98
C THR A 523 -4.52 -13.99 11.06
N GLY A 524 -5.61 -14.14 10.33
CA GLY A 524 -6.41 -15.34 10.40
C GLY A 524 -7.66 -15.12 9.59
N ALA A 525 -8.43 -16.18 9.45
CA ALA A 525 -9.59 -16.11 8.57
C ALA A 525 -10.75 -15.39 9.28
N PHE A 526 -11.44 -14.57 8.50
CA PHE A 526 -12.61 -13.81 8.88
C PHE A 526 -13.79 -14.22 7.99
N VAL A 527 -15.00 -14.00 8.49
CA VAL A 527 -16.21 -14.17 7.70
C VAL A 527 -17.05 -12.90 7.92
N GLY A 528 -17.69 -12.40 6.86
CA GLY A 528 -18.42 -11.16 7.07
C GLY A 528 -19.27 -10.75 5.90
N MET A 529 -19.83 -9.55 6.03
CA MET A 529 -20.75 -8.97 5.07
C MET A 529 -20.03 -7.87 4.30
N GLN A 530 -20.32 -7.77 2.99
CA GLN A 530 -19.52 -6.91 2.14
C GLN A 530 -20.37 -6.35 1.01
N CYS A 531 -20.04 -5.14 0.59
CA CYS A 531 -20.65 -4.54 -0.58
C CYS A 531 -19.58 -3.76 -1.32
N GLN A 532 -19.48 -3.96 -2.64
CA GLN A 532 -18.58 -3.18 -3.45
C GLN A 532 -19.35 -2.53 -4.58
N ASP A 533 -18.94 -1.32 -4.96
CA ASP A 533 -19.51 -0.66 -6.13
C ASP A 533 -18.31 0.01 -6.83
N THR A 534 -17.74 -0.68 -7.80
CA THR A 534 -16.63 -0.10 -8.52
C THR A 534 -17.09 0.68 -9.74
N SER A 535 -18.36 1.12 -9.75
CA SER A 535 -18.84 2.04 -10.75
C SER A 535 -18.84 3.49 -10.26
N GLY A 536 -18.93 3.69 -8.96
CA GLY A 536 -18.89 5.02 -8.38
C GLY A 536 -20.16 5.42 -7.68
N GLU A 537 -21.25 4.66 -7.82
CA GLU A 537 -22.54 5.09 -7.34
C GLU A 537 -22.79 4.74 -5.88
N ARG A 538 -21.89 3.99 -5.25
CA ARG A 538 -21.98 3.63 -3.83
C ARG A 538 -23.34 3.03 -3.48
N LEU A 539 -23.81 2.13 -4.34
CA LEU A 539 -25.09 1.48 -4.13
C LEU A 539 -25.11 0.74 -2.80
N PRO A 540 -26.13 0.94 -1.96
CA PRO A 540 -26.18 0.29 -0.66
C PRO A 540 -26.74 -1.12 -0.71
N ALA A 541 -26.18 -1.97 0.13
CA ALA A 541 -26.75 -3.29 0.40
C ALA A 541 -27.16 -3.33 1.86
N ASP A 542 -28.32 -3.90 2.13
CA ASP A 542 -28.85 -3.93 3.49
C ASP A 542 -28.86 -5.35 4.00
N PHE A 543 -28.11 -5.61 5.06
CA PHE A 543 -28.00 -6.94 5.63
C PHE A 543 -28.94 -7.04 6.83
N HIS A 544 -29.86 -8.00 6.78
CA HIS A 544 -30.92 -8.07 7.78
C HIS A 544 -30.42 -8.59 9.12
N TYR A 545 -29.50 -9.54 9.07
CA TYR A 545 -28.97 -10.14 10.29
C TYR A 545 -27.69 -10.84 9.90
N PHE A 546 -26.91 -11.19 10.91
CA PHE A 546 -25.72 -12.02 10.71
C PHE A 546 -25.70 -13.06 11.82
N ARG A 547 -25.68 -14.33 11.43
CA ARG A 547 -25.66 -15.43 12.37
C ARG A 547 -24.30 -16.07 12.29
N TYR A 548 -23.69 -16.28 13.46
CA TYR A 548 -22.46 -17.04 13.57
C TYR A 548 -22.68 -18.07 14.66
N GLU A 549 -22.65 -19.34 14.30
CA GLU A 549 -23.02 -20.42 15.22
C GLU A 549 -22.00 -21.54 15.10
N GLU A 550 -21.24 -21.76 16.15
CA GLU A 550 -20.21 -22.78 16.21
C GLU A 550 -20.79 -24.14 16.60
N THR A 551 -20.01 -25.17 16.35
CA THR A 551 -20.34 -26.53 16.78
C THR A 551 -19.20 -27.01 17.68
N ASP A 552 -19.49 -28.07 18.44
CA ASP A 552 -18.46 -28.78 19.20
C ASP A 552 -18.09 -30.01 18.39
N GLU A 553 -17.32 -29.79 17.33
CA GLU A 553 -16.94 -30.82 16.35
C GLU A 553 -18.16 -31.43 15.66
N MET B 19 10.40 21.08 -40.83
CA MET B 19 10.72 20.13 -39.77
C MET B 19 11.43 20.82 -38.60
N LYS B 20 10.69 21.61 -37.80
CA LYS B 20 11.30 22.30 -36.67
C LYS B 20 10.83 21.82 -35.29
N ILE B 21 9.73 21.06 -35.20
CA ILE B 21 9.44 20.34 -33.96
C ILE B 21 10.40 19.16 -33.88
N THR B 22 11.14 19.07 -32.77
CA THR B 22 12.05 17.94 -32.54
C THR B 22 11.48 17.05 -31.44
N ASN B 23 11.17 15.76 -31.80
CA ASN B 23 10.56 14.87 -30.82
C ASN B 23 11.61 14.08 -30.06
N PRO B 24 11.36 13.76 -28.77
CA PRO B 24 10.17 14.15 -27.99
C PRO B 24 10.23 15.61 -27.54
N VAL B 25 9.07 16.27 -27.49
CA VAL B 25 9.04 17.66 -27.03
C VAL B 25 9.13 17.74 -25.52
N LEU B 26 8.61 16.74 -24.80
CA LEU B 26 8.78 16.64 -23.36
C LEU B 26 9.64 15.41 -23.10
N LYS B 27 10.84 15.62 -22.59
CA LYS B 27 11.77 14.53 -22.40
C LYS B 27 11.64 13.98 -20.99
N GLY B 28 12.02 12.71 -20.82
CA GLY B 28 11.83 12.07 -19.54
C GLY B 28 10.35 11.82 -19.27
N PHE B 29 10.11 11.36 -18.05
CA PHE B 29 8.79 10.91 -17.61
C PHE B 29 7.74 12.00 -17.83
N ASN B 30 7.02 11.93 -18.96
CA ASN B 30 5.93 12.87 -19.30
C ASN B 30 4.91 12.16 -20.17
N PRO B 31 4.13 11.24 -19.60
CA PRO B 31 3.27 10.39 -20.43
C PRO B 31 1.84 10.90 -20.58
N ASP B 32 1.07 10.26 -21.45
CA ASP B 32 -0.37 10.47 -21.54
C ASP B 32 -0.72 11.93 -21.81
N PRO B 33 -0.23 12.53 -22.91
CA PRO B 33 -0.44 13.97 -23.10
C PRO B 33 -1.87 14.28 -23.50
N SER B 34 -2.42 15.29 -22.85
CA SER B 34 -3.72 15.85 -23.17
C SER B 34 -3.46 17.28 -23.65
N ILE B 35 -3.60 17.51 -24.97
CA ILE B 35 -3.27 18.81 -25.54
C ILE B 35 -4.55 19.61 -25.70
N CYS B 36 -4.43 20.93 -25.53
CA CYS B 36 -5.53 21.87 -25.37
C CYS B 36 -5.12 23.24 -25.92
N ARG B 37 -5.93 23.83 -26.81
CA ARG B 37 -5.69 25.17 -27.30
C ARG B 37 -6.66 26.16 -26.64
N VAL B 38 -6.14 27.31 -26.24
CA VAL B 38 -6.96 28.42 -25.75
C VAL B 38 -6.51 29.64 -26.54
N GLY B 39 -7.28 30.00 -27.56
CA GLY B 39 -6.84 31.10 -28.40
C GLY B 39 -5.54 30.76 -29.11
N GLU B 40 -4.49 31.51 -28.81
CA GLU B 40 -3.17 31.27 -29.39
C GLU B 40 -2.21 30.69 -28.36
N ASP B 41 -2.73 30.18 -27.25
CA ASP B 41 -1.93 29.44 -26.29
C ASP B 41 -2.27 27.96 -26.36
N TYR B 42 -1.26 27.13 -26.14
CA TYR B 42 -1.39 25.69 -26.22
C TYR B 42 -0.89 25.09 -24.92
N TYR B 43 -1.65 24.11 -24.42
CA TYR B 43 -1.33 23.46 -23.16
C TYR B 43 -1.34 21.95 -23.34
N MET B 44 -0.53 21.29 -22.51
CA MET B 44 -0.42 19.84 -22.51
C MET B 44 -0.30 19.40 -21.06
N ALA B 45 -1.24 18.59 -20.60
CA ALA B 45 -1.18 18.00 -19.28
C ALA B 45 -0.65 16.58 -19.39
N VAL B 46 0.17 16.17 -18.43
CA VAL B 46 0.70 14.82 -18.43
C VAL B 46 0.50 14.21 -17.05
N SER B 47 0.55 12.88 -17.01
CA SER B 47 0.34 12.13 -15.78
C SER B 47 1.61 12.08 -14.93
N THR B 48 1.42 11.92 -13.61
CA THR B 48 2.49 12.01 -12.64
C THR B 48 2.47 10.87 -11.64
N PHE B 49 1.42 10.05 -11.63
CA PHE B 49 1.34 8.83 -10.83
C PHE B 49 1.56 9.17 -9.36
N GLU B 50 2.50 8.54 -8.65
CA GLU B 50 2.66 8.77 -7.22
C GLU B 50 3.42 10.04 -6.89
N TRP B 51 3.93 10.78 -7.87
CA TRP B 51 4.77 11.94 -7.59
C TRP B 51 3.93 13.19 -7.33
N PHE B 52 4.32 13.95 -6.29
CA PHE B 52 3.54 15.08 -5.78
C PHE B 52 4.31 16.41 -5.88
N PRO B 53 3.64 17.52 -6.24
CA PRO B 53 2.22 17.71 -6.61
C PRO B 53 1.87 17.05 -7.94
N GLY B 54 0.58 16.83 -8.17
CA GLY B 54 0.12 16.02 -9.28
C GLY B 54 -0.25 16.80 -10.53
N VAL B 55 -0.09 16.12 -11.67
CA VAL B 55 -0.32 16.66 -13.02
C VAL B 55 0.69 17.75 -13.33
N GLN B 56 1.39 17.60 -14.44
CA GLN B 56 2.25 18.66 -14.94
C GLN B 56 1.56 19.25 -16.17
N ILE B 57 1.40 20.57 -16.18
CA ILE B 57 0.86 21.28 -17.34
C ILE B 57 1.99 22.07 -17.99
N TYR B 58 2.23 21.83 -19.27
CA TYR B 58 3.20 22.58 -20.05
C TYR B 58 2.47 23.55 -20.98
N HIS B 59 3.15 24.64 -21.33
CA HIS B 59 2.60 25.70 -22.14
C HIS B 59 3.50 25.98 -23.32
N SER B 60 2.90 26.30 -24.46
CA SER B 60 3.65 26.60 -25.67
C SER B 60 2.87 27.60 -26.51
N LYS B 61 3.59 28.41 -27.29
CA LYS B 61 2.98 29.23 -28.32
C LYS B 61 3.07 28.61 -29.70
N ASP B 62 4.14 27.86 -29.97
CA ASP B 62 4.48 27.42 -31.30
C ASP B 62 4.55 25.91 -31.47
N LEU B 63 4.28 25.13 -30.41
CA LEU B 63 4.38 23.67 -30.36
C LEU B 63 5.81 23.14 -30.49
N VAL B 64 6.81 24.00 -30.67
CA VAL B 64 8.21 23.60 -30.73
C VAL B 64 8.86 23.70 -29.36
N HIS B 65 8.65 24.82 -28.67
CA HIS B 65 9.22 25.09 -27.36
C HIS B 65 8.12 25.02 -26.31
N TRP B 66 8.38 24.29 -25.22
CA TRP B 66 7.41 24.08 -24.16
C TRP B 66 8.04 24.45 -22.84
N ARG B 67 7.26 25.08 -21.96
CA ARG B 67 7.73 25.38 -20.61
C ARG B 67 6.82 24.72 -19.59
N LEU B 68 7.41 24.26 -18.49
CA LEU B 68 6.62 23.69 -17.42
C LEU B 68 5.90 24.82 -16.69
N ALA B 69 4.57 24.84 -16.78
CA ALA B 69 3.80 26.00 -16.33
C ALA B 69 3.13 25.81 -14.99
N ALA B 70 2.63 24.61 -14.69
CA ALA B 70 1.90 24.45 -13.45
C ALA B 70 1.83 22.98 -13.05
N ARG B 71 1.59 22.76 -11.75
CA ARG B 71 1.26 21.45 -11.22
C ARG B 71 0.01 21.64 -10.38
N PRO B 72 -1.17 21.38 -10.96
CA PRO B 72 -2.42 21.81 -10.32
C PRO B 72 -2.69 21.19 -8.96
N LEU B 73 -2.45 19.90 -8.80
CA LEU B 73 -2.95 19.18 -7.63
C LEU B 73 -1.94 19.30 -6.49
N GLN B 74 -2.10 20.37 -5.70
CA GLN B 74 -1.12 20.74 -4.68
C GLN B 74 -1.56 20.41 -3.25
N LYS B 75 -2.82 20.09 -3.01
CA LYS B 75 -3.30 19.89 -1.64
C LYS B 75 -3.80 18.46 -1.45
N THR B 76 -3.66 17.97 -0.23
CA THR B 76 -4.19 16.65 0.10
C THR B 76 -5.70 16.56 -0.12
N SER B 77 -6.44 17.66 -0.01
CA SER B 77 -7.86 17.61 -0.30
C SER B 77 -8.14 17.34 -1.77
N GLN B 78 -7.22 17.73 -2.68
CA GLN B 78 -7.35 17.40 -4.11
C GLN B 78 -6.75 16.05 -4.46
N LEU B 79 -5.68 15.65 -3.78
CA LEU B 79 -4.96 14.43 -4.14
C LEU B 79 -4.28 13.88 -2.89
N ASP B 80 -4.80 12.77 -2.37
CA ASP B 80 -4.29 12.14 -1.14
C ASP B 80 -3.72 10.77 -1.50
N MET B 81 -2.41 10.66 -1.60
CA MET B 81 -1.78 9.46 -2.14
C MET B 81 -0.92 8.71 -1.15
N LYS B 82 -0.98 9.05 0.14
CA LYS B 82 -0.23 8.29 1.14
C LYS B 82 -0.63 6.82 1.07
N GLY B 83 0.36 5.93 1.01
CA GLY B 83 0.11 4.52 0.83
C GLY B 83 -0.20 4.05 -0.58
N ASN B 84 -0.33 4.95 -1.55
CA ASN B 84 -0.69 4.50 -2.89
C ASN B 84 0.36 3.54 -3.43
N PRO B 85 -0.02 2.52 -4.20
CA PRO B 85 0.98 1.62 -4.78
C PRO B 85 1.86 2.35 -5.78
N ASP B 86 3.02 1.75 -6.04
CA ASP B 86 3.87 2.27 -7.11
C ASP B 86 3.10 2.31 -8.43
N SER B 87 3.20 3.45 -9.13
CA SER B 87 2.47 3.69 -10.37
C SER B 87 0.95 3.66 -10.20
N GLY B 88 0.47 3.88 -8.99
CA GLY B 88 -0.92 4.24 -8.78
C GLY B 88 -1.05 5.74 -8.90
N GLY B 89 -2.06 6.30 -8.26
CA GLY B 89 -2.19 7.75 -8.26
C GLY B 89 -2.69 8.31 -9.57
N VAL B 90 -2.09 9.40 -10.04
CA VAL B 90 -2.60 10.21 -11.15
C VAL B 90 -2.21 9.52 -12.46
N TRP B 91 -3.15 8.79 -13.05
CA TRP B 91 -2.99 8.22 -14.40
C TRP B 91 -3.28 9.31 -15.45
N ALA B 92 -3.57 8.94 -16.69
CA ALA B 92 -3.74 9.94 -17.75
C ALA B 92 -4.77 11.00 -17.34
N PRO B 93 -4.42 12.30 -17.39
CA PRO B 93 -5.41 13.36 -17.14
C PRO B 93 -6.00 13.94 -18.41
N CYS B 94 -7.03 14.78 -18.29
CA CYS B 94 -7.64 15.42 -19.44
C CYS B 94 -7.81 16.90 -19.12
N LEU B 95 -7.18 17.74 -19.92
CA LEU B 95 -7.25 19.18 -19.73
C LEU B 95 -8.04 19.77 -20.88
N SER B 96 -9.04 20.60 -20.56
CA SER B 96 -9.81 21.29 -21.60
C SER B 96 -10.11 22.71 -21.17
N TYR B 97 -10.70 23.46 -22.09
CA TYR B 97 -11.11 24.84 -21.83
C TYR B 97 -12.48 25.09 -22.42
N ALA B 98 -13.36 25.67 -21.60
CA ALA B 98 -14.69 26.07 -22.06
C ALA B 98 -15.27 27.01 -21.03
N ASP B 99 -16.13 27.91 -21.50
CA ASP B 99 -16.85 28.79 -20.60
C ASP B 99 -15.89 29.58 -19.70
N GLY B 100 -14.80 30.05 -20.29
CA GLY B 100 -13.88 30.89 -19.53
C GLY B 100 -13.13 30.19 -18.42
N GLN B 101 -12.98 28.87 -18.49
CA GLN B 101 -12.41 28.11 -17.38
C GLN B 101 -11.64 26.92 -17.92
N PHE B 102 -10.57 26.53 -17.22
CA PHE B 102 -9.92 25.27 -17.49
C PHE B 102 -10.63 24.17 -16.71
N TRP B 103 -10.74 23.00 -17.32
CA TRP B 103 -11.33 21.84 -16.70
C TRP B 103 -10.27 20.76 -16.73
N LEU B 104 -9.99 20.18 -15.57
CA LEU B 104 -9.00 19.13 -15.48
C LEU B 104 -9.66 17.90 -14.86
N ILE B 105 -9.68 16.81 -15.62
CA ILE B 105 -10.18 15.54 -15.14
C ILE B 105 -8.99 14.66 -14.80
N TYR B 106 -9.01 14.08 -13.61
CA TYR B 106 -7.91 13.21 -13.21
C TYR B 106 -8.43 12.04 -12.38
N SER B 107 -7.56 11.06 -12.19
CA SER B 107 -7.86 9.85 -11.45
C SER B 107 -6.90 9.73 -10.28
N ASP B 108 -7.33 8.97 -9.27
CA ASP B 108 -6.46 8.51 -8.21
C ASP B 108 -6.65 6.99 -8.19
N ILE B 109 -5.69 6.25 -8.75
CA ILE B 109 -5.78 4.80 -8.86
C ILE B 109 -5.16 4.19 -7.61
N LYS B 110 -5.95 3.39 -6.90
CA LYS B 110 -5.52 2.78 -5.63
C LYS B 110 -5.09 1.34 -5.78
N VAL B 111 -5.49 0.66 -6.84
CA VAL B 111 -5.15 -0.76 -7.04
C VAL B 111 -4.66 -0.91 -8.46
N VAL B 112 -3.43 -1.42 -8.62
CA VAL B 112 -2.81 -1.53 -9.93
C VAL B 112 -2.45 -2.96 -10.30
N ASP B 113 -2.81 -3.94 -9.46
CA ASP B 113 -2.50 -5.34 -9.75
C ASP B 113 -3.68 -6.22 -9.38
N GLY B 114 -3.88 -7.29 -10.14
CA GLY B 114 -4.95 -8.21 -9.87
C GLY B 114 -6.16 -7.96 -10.73
N PRO B 115 -7.30 -8.58 -10.37
CA PRO B 115 -8.48 -8.52 -11.23
C PRO B 115 -9.17 -7.17 -11.26
N PHE B 116 -9.00 -6.35 -10.23
CA PHE B 116 -9.72 -5.08 -10.11
C PHE B 116 -8.77 -3.93 -10.37
N LYS B 117 -9.33 -2.76 -10.65
CA LYS B 117 -8.51 -1.55 -10.86
C LYS B 117 -9.14 -0.38 -10.09
N ASP B 118 -9.28 -0.54 -8.77
CA ASP B 118 -9.96 0.47 -7.96
C ASP B 118 -9.31 1.84 -8.10
N GLY B 119 -10.13 2.82 -8.45
CA GLY B 119 -9.65 4.18 -8.61
C GLY B 119 -10.84 5.06 -8.91
N HIS B 120 -10.66 6.35 -8.70
CA HIS B 120 -11.75 7.30 -8.77
C HIS B 120 -11.36 8.47 -9.65
N ASN B 121 -12.35 9.03 -10.34
CA ASN B 121 -12.15 10.11 -11.29
C ASN B 121 -12.76 11.39 -10.76
N TYR B 122 -12.05 12.51 -10.94
CA TYR B 122 -12.40 13.79 -10.32
C TYR B 122 -12.29 14.92 -11.32
N LEU B 123 -12.98 16.00 -11.00
CA LEU B 123 -12.94 17.23 -11.81
C LEU B 123 -12.58 18.41 -10.92
N VAL B 124 -11.58 19.18 -11.35
CA VAL B 124 -11.25 20.46 -10.74
C VAL B 124 -11.18 21.48 -11.88
N THR B 125 -11.39 22.75 -11.52
CA THR B 125 -11.41 23.84 -12.47
C THR B 125 -10.53 24.98 -11.98
N ALA B 126 -10.13 25.83 -12.91
CA ALA B 126 -9.37 27.03 -12.61
C ALA B 126 -9.50 28.00 -13.79
N SER B 127 -9.32 29.29 -13.49
CA SER B 127 -9.26 30.32 -14.52
C SER B 127 -7.98 30.25 -15.33
N GLU B 128 -6.85 29.99 -14.66
CA GLU B 128 -5.56 29.87 -15.32
C GLU B 128 -4.87 28.61 -14.83
N VAL B 129 -3.99 28.04 -15.66
CA VAL B 129 -3.46 26.74 -15.27
C VAL B 129 -2.57 26.84 -14.05
N ASP B 130 -1.93 27.98 -13.82
CA ASP B 130 -1.08 28.17 -12.65
C ASP B 130 -1.79 28.88 -11.51
N GLY B 131 -3.11 29.05 -11.61
CA GLY B 131 -3.89 29.58 -10.51
C GLY B 131 -4.20 28.51 -9.48
N ASP B 132 -5.15 28.83 -8.61
CA ASP B 132 -5.61 27.89 -7.59
C ASP B 132 -6.73 27.06 -8.19
N TRP B 133 -6.57 25.75 -8.15
CA TRP B 133 -7.61 24.88 -8.68
C TRP B 133 -8.64 24.58 -7.60
N SER B 134 -9.87 24.31 -8.03
CA SER B 134 -10.97 24.11 -7.11
C SER B 134 -10.78 22.83 -6.30
N GLU B 135 -11.75 22.57 -5.42
CA GLU B 135 -11.78 21.27 -4.78
C GLU B 135 -12.46 20.25 -5.70
N PRO B 136 -12.10 18.97 -5.59
CA PRO B 136 -12.54 18.00 -6.59
C PRO B 136 -14.04 17.74 -6.54
N ILE B 137 -14.62 17.57 -7.73
CA ILE B 137 -15.95 17.00 -7.89
C ILE B 137 -15.79 15.54 -8.29
N LEU B 138 -16.46 14.64 -7.56
CA LEU B 138 -16.33 13.21 -7.82
C LEU B 138 -17.20 12.82 -9.01
N LEU B 139 -16.61 12.15 -9.99
CA LEU B 139 -17.34 11.81 -11.19
C LEU B 139 -17.83 10.37 -11.14
N ASN B 140 -16.92 9.42 -11.24
CA ASN B 140 -17.26 8.00 -11.16
C ASN B 140 -15.99 7.22 -10.86
N SER B 141 -16.12 5.90 -10.87
CA SER B 141 -15.02 5.00 -10.56
C SER B 141 -14.93 3.83 -11.54
N SER B 142 -15.64 3.88 -12.66
CA SER B 142 -15.91 2.70 -13.46
C SER B 142 -14.76 2.30 -14.38
N GLY B 143 -13.70 3.09 -14.41
CA GLY B 143 -12.55 2.83 -15.25
C GLY B 143 -11.73 4.09 -15.35
N PHE B 144 -10.51 3.93 -15.86
CA PHE B 144 -9.56 5.04 -15.87
C PHE B 144 -9.64 5.79 -17.20
N ASP B 145 -8.69 6.71 -17.38
CA ASP B 145 -8.63 7.59 -18.55
C ASP B 145 -9.92 8.40 -18.78
N PRO B 146 -10.41 9.10 -17.77
CA PRO B 146 -11.59 9.95 -17.97
C PRO B 146 -11.27 11.16 -18.81
N SER B 147 -12.25 11.56 -19.62
CA SER B 147 -12.11 12.71 -20.49
C SER B 147 -13.40 13.51 -20.46
N LEU B 148 -13.29 14.83 -20.53
CA LEU B 148 -14.46 15.70 -20.54
C LEU B 148 -14.65 16.28 -21.94
N PHE B 149 -15.81 16.04 -22.53
CA PHE B 149 -16.11 16.51 -23.87
C PHE B 149 -17.13 17.64 -23.80
N HIS B 150 -16.81 18.77 -24.44
CA HIS B 150 -17.70 19.94 -24.48
C HIS B 150 -18.40 19.91 -25.83
N ASP B 151 -19.63 19.46 -25.84
CA ASP B 151 -20.38 19.31 -27.09
C ASP B 151 -20.81 20.69 -27.61
N HIS B 152 -20.94 20.80 -28.93
CA HIS B 152 -21.36 22.08 -29.52
C HIS B 152 -22.71 22.55 -29.00
N SER B 153 -23.57 21.62 -28.57
CA SER B 153 -24.86 21.96 -28.02
C SER B 153 -24.79 22.66 -26.68
N GLY B 154 -23.61 22.73 -26.05
CA GLY B 154 -23.51 23.19 -24.69
C GLY B 154 -23.51 22.09 -23.65
N LYS B 155 -24.02 20.91 -23.99
CA LYS B 155 -23.93 19.79 -23.07
C LYS B 155 -22.48 19.33 -22.91
N LYS B 156 -22.20 18.68 -21.79
CA LYS B 156 -20.89 18.14 -21.47
C LYS B 156 -21.01 16.65 -21.19
N TYR B 157 -20.00 15.91 -21.59
CA TYR B 157 -20.01 14.46 -21.42
C TYR B 157 -18.67 13.99 -20.86
N VAL B 158 -18.71 12.98 -20.00
CA VAL B 158 -17.51 12.32 -19.53
C VAL B 158 -17.41 10.96 -20.22
N LEU B 159 -16.23 10.69 -20.78
CA LEU B 159 -15.88 9.41 -21.35
C LEU B 159 -14.84 8.75 -20.46
N ASN B 160 -14.91 7.43 -20.36
CA ASN B 160 -13.80 6.68 -19.76
C ASN B 160 -13.92 5.25 -20.23
N MET B 161 -12.82 4.49 -20.07
CA MET B 161 -12.90 3.06 -20.34
C MET B 161 -13.63 2.38 -19.18
N LEU B 162 -14.25 1.24 -19.48
CA LEU B 162 -14.91 0.43 -18.46
C LEU B 162 -13.99 -0.74 -18.11
N TRP B 163 -13.62 -0.86 -16.83
CA TRP B 163 -12.79 -1.95 -16.38
C TRP B 163 -13.69 -3.12 -15.99
N ASP B 164 -13.45 -4.27 -16.62
CA ASP B 164 -14.19 -5.50 -16.34
C ASP B 164 -13.30 -6.46 -15.57
N HIS B 165 -13.71 -6.81 -14.36
CA HIS B 165 -12.95 -7.74 -13.54
C HIS B 165 -13.26 -9.19 -13.83
N ARG B 166 -14.32 -9.49 -14.57
CA ARG B 166 -14.82 -10.87 -14.61
C ARG B 166 -13.86 -11.81 -15.31
N GLU B 167 -13.77 -13.04 -14.80
CA GLU B 167 -12.73 -13.97 -15.25
C GLU B 167 -12.84 -14.26 -16.75
N LYS B 168 -14.07 -14.39 -17.24
CA LYS B 168 -14.25 -14.81 -18.62
C LYS B 168 -14.02 -13.68 -19.62
N HIS B 169 -13.92 -12.43 -19.16
CA HIS B 169 -13.97 -11.30 -20.08
C HIS B 169 -12.61 -10.62 -20.22
N HIS B 170 -12.38 -10.07 -21.40
CA HIS B 170 -11.33 -9.07 -21.57
C HIS B 170 -11.61 -7.92 -20.61
N SER B 171 -10.56 -7.42 -19.96
CA SER B 171 -10.73 -6.41 -18.91
C SER B 171 -11.16 -5.04 -19.45
N PHE B 172 -10.96 -4.78 -20.74
CA PHE B 172 -11.27 -3.48 -21.34
C PHE B 172 -12.61 -3.63 -22.04
N ALA B 173 -13.67 -3.24 -21.35
CA ALA B 173 -15.02 -3.58 -21.79
C ALA B 173 -15.64 -2.50 -22.67
N GLY B 174 -14.86 -1.54 -23.12
CA GLY B 174 -15.36 -0.53 -24.05
C GLY B 174 -15.24 0.87 -23.48
N ILE B 175 -15.74 1.81 -24.26
CA ILE B 175 -15.71 3.23 -23.92
C ILE B 175 -17.10 3.61 -23.45
N ALA B 176 -17.18 4.12 -22.24
CA ALA B 176 -18.44 4.59 -21.67
C ALA B 176 -18.58 6.09 -21.88
N LEU B 177 -19.83 6.50 -22.11
CA LEU B 177 -20.21 7.90 -22.28
C LEU B 177 -21.37 8.21 -21.35
N GLN B 178 -21.28 9.32 -20.64
CA GLN B 178 -22.38 9.73 -19.77
C GLN B 178 -22.37 11.24 -19.66
N GLU B 179 -23.56 11.83 -19.66
CA GLU B 179 -23.62 13.29 -19.62
C GLU B 179 -23.23 13.80 -18.24
N TYR B 180 -22.49 14.91 -18.22
CA TYR B 180 -22.15 15.60 -16.98
C TYR B 180 -23.03 16.83 -16.85
N SER B 181 -23.75 16.94 -15.73
CA SER B 181 -24.59 18.12 -15.48
C SER B 181 -23.77 19.19 -14.76
N VAL B 182 -23.55 20.33 -15.43
CA VAL B 182 -22.93 21.47 -14.75
C VAL B 182 -23.83 21.96 -13.61
N ALA B 183 -25.14 21.94 -13.81
CA ALA B 183 -26.04 22.43 -12.77
C ALA B 183 -25.98 21.54 -11.53
N GLU B 184 -25.98 20.23 -11.72
CA GLU B 184 -26.01 19.33 -10.59
C GLU B 184 -24.64 18.86 -10.13
N LYS B 185 -23.58 19.20 -10.85
CA LYS B 185 -22.20 18.83 -10.51
C LYS B 185 -22.09 17.32 -10.34
N LYS B 186 -22.70 16.58 -11.27
CA LYS B 186 -22.62 15.12 -11.22
C LYS B 186 -22.94 14.57 -12.59
N LEU B 187 -22.55 13.32 -12.81
CA LEU B 187 -23.02 12.60 -13.98
C LEU B 187 -24.52 12.32 -13.82
N ILE B 188 -25.26 12.46 -14.91
CA ILE B 188 -26.71 12.27 -14.91
C ILE B 188 -27.08 11.21 -15.95
N GLY B 189 -28.34 10.81 -15.92
CA GLY B 189 -28.81 9.79 -16.84
C GLY B 189 -28.14 8.46 -16.58
N GLN B 190 -28.01 7.66 -17.63
CA GLN B 190 -27.33 6.38 -17.56
C GLN B 190 -26.14 6.40 -18.49
N ARG B 191 -25.11 5.64 -18.13
CA ARG B 191 -23.95 5.55 -19.00
C ARG B 191 -24.26 4.63 -20.18
N LYS B 192 -23.55 4.84 -21.27
CA LYS B 192 -23.76 4.06 -22.49
C LYS B 192 -22.40 3.67 -23.02
N VAL B 193 -22.25 2.41 -23.41
CA VAL B 193 -21.03 1.93 -24.06
C VAL B 193 -21.16 2.26 -25.55
N ILE B 194 -20.34 3.18 -26.03
CA ILE B 194 -20.47 3.71 -27.40
C ILE B 194 -19.50 3.06 -28.38
N PHE B 195 -18.50 2.31 -27.91
CA PHE B 195 -17.48 1.79 -28.79
C PHE B 195 -16.78 0.64 -28.09
N LYS B 196 -16.58 -0.48 -28.80
CA LYS B 196 -15.93 -1.60 -28.15
C LYS B 196 -14.56 -1.92 -28.68
N GLY B 197 -14.04 -1.09 -29.55
CA GLY B 197 -12.66 -1.22 -29.94
C GLY B 197 -12.51 -2.10 -31.15
N THR B 198 -11.25 -2.37 -31.45
CA THR B 198 -10.88 -3.19 -32.59
C THR B 198 -10.16 -4.44 -32.07
N PRO B 199 -9.74 -5.37 -32.95
CA PRO B 199 -8.98 -6.53 -32.47
C PRO B 199 -7.69 -6.18 -31.75
N ILE B 200 -7.16 -4.97 -31.85
CA ILE B 200 -5.98 -4.67 -31.05
C ILE B 200 -6.34 -4.70 -29.57
N LYS B 201 -7.57 -4.31 -29.23
CA LYS B 201 -8.13 -4.38 -27.88
C LYS B 201 -7.34 -3.51 -26.90
N LEU B 202 -7.54 -3.76 -25.60
CA LEU B 202 -7.08 -2.85 -24.53
C LEU B 202 -7.47 -1.41 -24.84
N THR B 203 -8.70 -1.25 -25.30
CA THR B 203 -9.19 0.06 -25.73
C THR B 203 -9.30 0.99 -24.53
N GLU B 204 -8.62 2.12 -24.59
CA GLU B 204 -8.61 3.06 -23.47
C GLU B 204 -8.40 4.45 -24.03
N ALA B 205 -8.09 5.40 -23.15
CA ALA B 205 -7.78 6.77 -23.51
C ALA B 205 -8.78 7.43 -24.47
N PRO B 206 -10.09 7.36 -24.19
CA PRO B 206 -11.06 7.95 -25.13
C PRO B 206 -10.99 9.47 -25.14
N HIS B 207 -10.98 10.05 -26.34
CA HIS B 207 -11.14 11.50 -26.53
C HIS B 207 -12.13 11.73 -27.67
N LEU B 208 -13.09 12.62 -27.45
CA LEU B 208 -14.12 12.95 -28.44
C LEU B 208 -13.80 14.30 -29.06
N TYR B 209 -14.02 14.40 -30.38
CA TYR B 209 -13.88 15.63 -31.14
C TYR B 209 -15.03 15.72 -32.11
N HIS B 210 -15.60 16.91 -32.24
CA HIS B 210 -16.60 17.19 -33.27
C HIS B 210 -15.92 18.00 -34.37
N ILE B 211 -15.77 17.40 -35.54
CA ILE B 211 -15.07 17.99 -36.68
C ILE B 211 -15.95 17.80 -37.91
N GLY B 212 -16.32 18.91 -38.54
CA GLY B 212 -17.17 18.82 -39.72
C GLY B 212 -18.50 18.18 -39.38
N ASP B 213 -18.80 17.07 -40.06
CA ASP B 213 -20.09 16.41 -39.92
C ASP B 213 -20.05 15.22 -38.97
N TYR B 214 -18.92 14.98 -38.30
CA TYR B 214 -18.76 13.77 -37.53
C TYR B 214 -18.24 14.05 -36.12
N TYR B 215 -18.62 13.16 -35.22
CA TYR B 215 -17.89 12.98 -33.97
C TYR B 215 -16.76 12.01 -34.24
N TYR B 216 -15.55 12.36 -33.81
CA TYR B 216 -14.38 11.50 -33.93
C TYR B 216 -14.02 10.99 -32.54
N LEU B 217 -13.97 9.68 -32.39
CA LEU B 217 -13.56 9.07 -31.13
C LEU B 217 -12.14 8.55 -31.31
N LEU B 218 -11.22 9.15 -30.57
CA LEU B 218 -9.84 8.73 -30.57
C LEU B 218 -9.59 7.87 -29.34
N THR B 219 -8.94 6.73 -29.50
CA THR B 219 -8.64 5.84 -28.38
C THR B 219 -7.22 5.30 -28.51
N ALA B 220 -6.70 4.80 -27.40
CA ALA B 220 -5.49 4.00 -27.37
C ALA B 220 -5.85 2.53 -27.34
N GLU B 221 -5.02 1.71 -27.97
CA GLU B 221 -5.23 0.28 -27.94
C GLU B 221 -3.88 -0.41 -27.87
N GLY B 222 -3.90 -1.70 -27.53
CA GLY B 222 -2.69 -2.50 -27.51
C GLY B 222 -1.89 -2.45 -26.23
N GLY B 223 -2.25 -1.61 -25.28
CA GLY B 223 -1.45 -1.48 -24.07
C GLY B 223 -0.25 -0.59 -24.28
N THR B 224 0.24 -0.02 -23.19
CA THR B 224 1.26 1.03 -23.28
C THR B 224 2.69 0.50 -23.39
N ARG B 225 2.86 -0.79 -23.72
CA ARG B 225 4.17 -1.30 -24.08
C ARG B 225 4.32 -1.24 -25.58
N TYR B 226 4.99 -2.22 -26.19
CA TYR B 226 5.43 -2.07 -27.57
C TYR B 226 4.34 -2.39 -28.58
N GLU B 227 3.15 -2.81 -28.16
CA GLU B 227 2.01 -2.96 -29.06
C GLU B 227 1.09 -1.75 -29.06
N HIS B 228 1.51 -0.65 -28.41
CA HIS B 228 0.67 0.54 -28.27
C HIS B 228 0.24 1.05 -29.63
N ALA B 229 -0.96 1.62 -29.70
CA ALA B 229 -1.46 2.23 -30.94
C ALA B 229 -2.50 3.28 -30.59
N ALA B 230 -2.75 4.18 -31.53
CA ALA B 230 -3.87 5.10 -31.46
C ALA B 230 -4.87 4.75 -32.56
N THR B 231 -6.12 4.52 -32.19
CA THR B 231 -7.15 4.29 -33.20
C THR B 231 -8.18 5.41 -33.17
N ILE B 232 -8.78 5.67 -34.34
CA ILE B 232 -9.79 6.69 -34.45
C ILE B 232 -10.99 6.12 -35.18
N ALA B 233 -12.17 6.60 -34.79
CA ALA B 233 -13.43 6.13 -35.34
C ALA B 233 -14.34 7.34 -35.43
N ARG B 234 -15.38 7.25 -36.25
CA ARG B 234 -16.24 8.40 -36.40
C ARG B 234 -17.70 8.00 -36.49
N SER B 235 -18.55 8.95 -36.11
CA SER B 235 -19.99 8.75 -36.11
C SER B 235 -20.65 10.10 -36.31
N SER B 236 -21.79 10.10 -37.00
CA SER B 236 -22.56 11.34 -37.06
C SER B 236 -23.33 11.58 -35.77
N HIS B 237 -23.40 10.60 -34.87
CA HIS B 237 -24.14 10.71 -33.63
C HIS B 237 -23.21 10.36 -32.48
N ILE B 238 -23.42 11.02 -31.33
CA ILE B 238 -22.41 10.94 -30.29
C ILE B 238 -22.42 9.55 -29.67
N GLU B 239 -23.57 8.88 -29.69
CA GLU B 239 -23.65 7.55 -29.10
C GLU B 239 -23.28 6.45 -30.09
N GLY B 240 -22.86 6.80 -31.30
CA GLY B 240 -22.45 5.80 -32.25
C GLY B 240 -23.58 5.38 -33.15
N PRO B 241 -23.40 4.27 -33.88
CA PRO B 241 -22.20 3.43 -33.88
C PRO B 241 -21.04 4.12 -34.58
N TYR B 242 -19.83 3.87 -34.09
CA TYR B 242 -18.63 4.44 -34.67
C TYR B 242 -18.03 3.51 -35.71
N GLU B 243 -17.59 4.08 -36.82
CA GLU B 243 -16.93 3.35 -37.88
C GLU B 243 -15.44 3.61 -37.74
N VAL B 244 -14.64 2.54 -37.83
CA VAL B 244 -13.20 2.63 -37.63
C VAL B 244 -12.53 3.15 -38.89
N HIS B 245 -11.53 4.00 -38.72
CA HIS B 245 -10.63 4.47 -39.76
C HIS B 245 -10.21 3.33 -40.69
N PRO B 246 -10.29 3.51 -42.01
CA PRO B 246 -9.99 2.38 -42.91
C PRO B 246 -8.53 1.96 -42.92
N ASP B 247 -7.61 2.81 -42.48
CA ASP B 247 -6.21 2.42 -42.33
C ASP B 247 -5.79 2.45 -40.86
N ASN B 248 -6.69 2.01 -39.98
CA ASN B 248 -6.41 1.99 -38.57
C ASN B 248 -5.28 1.02 -38.25
N PRO B 249 -4.42 1.32 -37.28
CA PRO B 249 -4.37 2.49 -36.41
C PRO B 249 -3.69 3.67 -37.08
N ILE B 250 -3.97 4.89 -36.61
CA ILE B 250 -3.32 6.06 -37.19
C ILE B 250 -1.96 6.33 -36.57
N VAL B 251 -1.68 5.76 -35.40
CA VAL B 251 -0.38 5.90 -34.74
C VAL B 251 0.01 4.53 -34.19
N SER B 252 1.23 4.07 -34.52
CA SER B 252 1.79 2.86 -33.92
C SER B 252 3.17 2.56 -34.48
N ALA B 253 4.07 2.12 -33.61
CA ALA B 253 5.39 1.64 -34.01
C ALA B 253 5.53 0.14 -33.86
N PHE B 254 4.42 -0.57 -33.65
CA PHE B 254 4.47 -2.02 -33.42
C PHE B 254 5.22 -2.72 -34.55
N HIS B 255 4.97 -2.33 -35.79
CA HIS B 255 5.54 -3.02 -36.93
C HIS B 255 6.99 -2.65 -37.19
N VAL B 256 7.53 -1.62 -36.54
CA VAL B 256 8.89 -1.18 -36.84
C VAL B 256 9.77 -1.19 -35.59
N PRO B 257 10.27 -2.35 -35.17
CA PRO B 257 11.05 -2.42 -33.92
C PRO B 257 12.30 -1.58 -33.91
N GLU B 258 12.84 -1.21 -35.06
CA GLU B 258 14.06 -0.41 -35.10
C GLU B 258 13.79 1.08 -35.03
N HIS B 259 12.53 1.50 -35.10
CA HIS B 259 12.19 2.92 -35.12
C HIS B 259 12.61 3.59 -33.81
N PRO B 260 13.13 4.83 -33.86
CA PRO B 260 13.56 5.49 -32.61
C PRO B 260 12.44 5.85 -31.67
N LEU B 261 11.22 6.02 -32.16
CA LEU B 261 10.04 6.21 -31.30
C LEU B 261 9.29 4.89 -31.18
N GLN B 262 9.03 4.45 -29.96
CA GLN B 262 8.31 3.21 -29.71
C GLN B 262 7.15 3.49 -28.76
N LYS B 263 6.29 2.48 -28.58
CA LYS B 263 5.14 2.58 -27.69
C LYS B 263 4.25 3.76 -28.05
N CYS B 264 4.14 4.06 -29.33
CA CYS B 264 3.47 5.25 -29.80
C CYS B 264 1.97 5.05 -29.71
N GLY B 265 1.32 5.87 -28.90
CA GLY B 265 -0.10 5.72 -28.65
C GLY B 265 -0.54 6.72 -27.61
N HIS B 266 -1.78 6.56 -27.16
CA HIS B 266 -2.42 7.48 -26.23
C HIS B 266 -2.31 8.93 -26.72
N ALA B 267 -3.06 9.19 -27.78
CA ALA B 267 -2.94 10.43 -28.51
C ALA B 267 -4.05 11.41 -28.12
N SER B 268 -3.78 12.68 -28.41
CA SER B 268 -4.82 13.71 -28.40
C SER B 268 -4.50 14.67 -29.53
N ILE B 269 -5.55 15.30 -30.08
CA ILE B 269 -5.49 16.04 -31.33
C ILE B 269 -5.78 17.51 -31.04
N VAL B 270 -5.06 18.40 -31.71
CA VAL B 270 -5.32 19.84 -31.59
C VAL B 270 -5.39 20.44 -32.99
N GLN B 271 -6.30 21.38 -33.17
CA GLN B 271 -6.36 22.24 -34.35
C GLN B 271 -5.76 23.59 -33.95
N THR B 272 -4.69 24.01 -34.64
CA THR B 272 -4.07 25.27 -34.29
C THR B 272 -4.93 26.45 -34.75
N HIS B 273 -4.62 27.63 -34.20
CA HIS B 273 -5.30 28.84 -34.61
C HIS B 273 -4.96 29.25 -36.04
N THR B 274 -3.96 28.59 -36.64
CA THR B 274 -3.63 28.72 -38.05
C THR B 274 -4.28 27.64 -38.91
N ASN B 275 -5.29 26.95 -38.38
CA ASN B 275 -6.02 25.89 -39.10
C ASN B 275 -5.08 24.79 -39.60
N GLU B 276 -4.19 24.33 -38.71
CA GLU B 276 -3.37 23.16 -38.95
C GLU B 276 -3.64 22.14 -37.86
N TRP B 277 -3.38 20.87 -38.16
CA TRP B 277 -3.79 19.77 -37.30
C TRP B 277 -2.57 19.02 -36.77
N TYR B 278 -2.54 18.81 -35.46
CA TYR B 278 -1.42 18.09 -34.85
C TYR B 278 -1.96 17.10 -33.83
N LEU B 279 -1.11 16.13 -33.53
CA LEU B 279 -1.44 15.01 -32.67
C LEU B 279 -0.31 14.85 -31.67
N ALA B 280 -0.63 14.91 -30.38
CA ALA B 280 0.32 14.60 -29.32
C ALA B 280 0.12 13.14 -28.91
N HIS B 281 1.21 12.43 -28.66
CA HIS B 281 1.12 11.04 -28.22
C HIS B 281 2.33 10.71 -27.36
N LEU B 282 2.21 9.66 -26.56
CA LEU B 282 3.36 9.29 -25.76
C LEU B 282 4.24 8.36 -26.60
N THR B 283 5.50 8.26 -26.19
CA THR B 283 6.43 7.40 -26.87
C THR B 283 7.55 7.06 -25.89
N GLY B 284 8.28 6.01 -26.21
CA GLY B 284 9.45 5.64 -25.44
C GLY B 284 10.65 5.50 -26.34
N ARG B 285 11.82 5.79 -25.79
CA ARG B 285 13.08 5.71 -26.51
C ARG B 285 13.92 4.63 -25.87
N PRO B 286 13.84 3.38 -26.32
CA PRO B 286 14.48 2.29 -25.60
C PRO B 286 15.97 2.18 -25.87
N ILE B 287 16.68 1.76 -24.83
CA ILE B 287 18.03 1.23 -24.93
C ILE B 287 17.91 -0.25 -25.28
N GLN B 288 18.71 -0.73 -26.22
CA GLN B 288 18.62 -2.13 -26.61
C GLN B 288 19.83 -2.91 -26.12
N SER B 289 19.67 -4.23 -26.10
CA SER B 289 20.74 -5.14 -25.75
C SER B 289 21.40 -5.67 -27.03
N SER B 290 22.73 -5.63 -27.06
CA SER B 290 23.40 -6.08 -28.28
C SER B 290 23.34 -7.60 -28.43
N LYS B 291 23.07 -8.32 -27.35
CA LYS B 291 23.00 -9.77 -27.43
C LYS B 291 21.58 -10.27 -27.69
N GLU B 292 20.62 -9.38 -27.86
CA GLU B 292 19.26 -9.82 -28.12
C GLU B 292 18.78 -9.26 -29.45
N SER B 293 17.76 -9.89 -30.00
CA SER B 293 17.11 -9.37 -31.19
C SER B 293 16.13 -8.26 -30.78
N ILE B 294 16.25 -7.11 -31.43
CA ILE B 294 15.35 -5.99 -31.17
C ILE B 294 13.90 -6.36 -31.52
N PHE B 295 13.70 -7.40 -32.32
CA PHE B 295 12.36 -7.86 -32.63
C PHE B 295 11.75 -8.67 -31.49
N GLN B 296 12.59 -9.23 -30.63
CA GLN B 296 12.13 -9.99 -29.47
C GLN B 296 12.20 -9.19 -28.18
N GLN B 297 13.27 -8.41 -27.99
CA GLN B 297 13.45 -7.57 -26.81
C GLN B 297 13.57 -6.16 -27.37
N ARG B 298 12.43 -5.45 -27.42
CA ARG B 298 12.42 -4.12 -28.05
C ARG B 298 13.30 -3.13 -27.30
N GLY B 299 13.54 -3.35 -26.01
CA GLY B 299 14.46 -2.53 -25.25
C GLY B 299 13.86 -2.05 -23.96
N TRP B 300 14.62 -1.19 -23.26
CA TRP B 300 14.26 -0.66 -21.96
C TRP B 300 14.33 0.86 -21.99
N CYS B 301 13.39 1.52 -21.28
CA CYS B 301 13.22 2.98 -21.31
C CYS B 301 13.44 3.61 -19.94
N PRO B 302 14.68 3.95 -19.56
CA PRO B 302 14.89 4.60 -18.26
C PRO B 302 14.28 5.99 -18.17
N LEU B 303 14.10 6.68 -19.29
CA LEU B 303 13.39 7.96 -19.25
C LEU B 303 11.88 7.79 -19.26
N GLY B 304 11.37 6.57 -19.17
CA GLY B 304 9.94 6.34 -19.13
C GLY B 304 9.29 6.70 -20.45
N ARG B 305 8.02 7.09 -20.38
CA ARG B 305 7.26 7.48 -21.56
C ARG B 305 7.27 8.99 -21.69
N GLU B 306 7.65 9.47 -22.86
CA GLU B 306 7.85 10.88 -23.19
C GLU B 306 6.71 11.31 -24.11
N THR B 307 6.64 12.59 -24.43
CA THR B 307 5.56 13.09 -25.28
C THR B 307 6.13 13.61 -26.59
N ALA B 308 5.53 13.19 -27.71
CA ALA B 308 5.94 13.64 -29.02
C ALA B 308 4.73 14.25 -29.74
N ILE B 309 5.01 15.02 -30.79
CA ILE B 309 3.95 15.70 -31.54
C ILE B 309 4.12 15.40 -33.02
N GLN B 310 3.04 14.95 -33.66
CA GLN B 310 3.02 14.65 -35.08
C GLN B 310 2.09 15.60 -35.82
N LYS B 311 2.33 15.75 -37.11
CA LYS B 311 1.47 16.55 -37.97
C LYS B 311 0.44 15.66 -38.63
N LEU B 312 -0.79 16.16 -38.75
CA LEU B 312 -1.88 15.44 -39.39
C LEU B 312 -2.24 16.06 -40.74
N GLU B 313 -2.74 15.23 -41.64
CA GLU B 313 -3.38 15.68 -42.88
C GLU B 313 -4.70 14.92 -43.02
N TRP B 314 -5.63 15.51 -43.75
CA TRP B 314 -6.97 14.94 -43.89
C TRP B 314 -7.20 14.44 -45.31
N LYS B 315 -7.97 13.36 -45.42
CA LYS B 315 -8.35 12.81 -46.71
C LYS B 315 -9.63 12.00 -46.53
N ASP B 316 -10.65 12.32 -47.32
CA ASP B 316 -11.95 11.63 -47.27
C ASP B 316 -12.57 11.65 -45.88
N GLY B 317 -12.34 12.74 -45.13
CA GLY B 317 -12.88 12.83 -43.80
C GLY B 317 -12.15 12.02 -42.76
N TRP B 318 -10.92 11.57 -43.04
CA TRP B 318 -10.12 10.83 -42.07
C TRP B 318 -8.76 11.48 -41.90
N PRO B 319 -8.27 11.59 -40.68
CA PRO B 319 -6.92 12.11 -40.47
C PRO B 319 -5.87 11.02 -40.65
N TYR B 320 -4.68 11.46 -41.07
CA TYR B 320 -3.49 10.62 -41.26
C TYR B 320 -2.28 11.34 -40.69
N VAL B 321 -1.36 10.58 -40.11
CA VAL B 321 -0.13 11.14 -39.57
C VAL B 321 0.83 11.39 -40.72
N VAL B 322 1.26 12.64 -40.87
CA VAL B 322 2.22 12.99 -41.90
C VAL B 322 3.52 12.24 -41.65
N GLY B 323 3.98 11.51 -42.67
CA GLY B 323 5.20 10.74 -42.57
C GLY B 323 5.04 9.29 -42.18
N GLY B 324 3.83 8.84 -41.90
CA GLY B 324 3.64 7.45 -41.54
C GLY B 324 3.20 7.32 -40.09
N LYS B 325 2.50 6.24 -39.79
CA LYS B 325 1.86 6.13 -38.48
C LYS B 325 2.85 5.89 -37.36
N GLU B 326 4.10 5.52 -37.65
CA GLU B 326 5.06 5.33 -36.57
C GLU B 326 5.67 6.63 -36.07
N GLY B 327 5.37 7.75 -36.72
CA GLY B 327 5.85 9.03 -36.24
C GLY B 327 7.23 9.36 -36.74
N THR B 328 7.57 10.64 -36.64
CA THR B 328 8.83 11.20 -37.13
C THR B 328 9.53 11.92 -36.00
N LEU B 329 10.85 11.97 -36.06
CA LEU B 329 11.58 12.72 -35.04
C LEU B 329 11.48 14.22 -35.28
N GLU B 330 11.54 14.64 -36.54
CA GLU B 330 11.50 16.06 -36.89
C GLU B 330 10.25 16.32 -37.71
N VAL B 331 9.42 17.23 -37.23
CA VAL B 331 8.08 17.43 -37.75
C VAL B 331 7.89 18.90 -38.12
N GLU B 332 7.23 19.14 -39.25
CA GLU B 332 7.03 20.51 -39.69
C GLU B 332 6.19 21.27 -38.68
N ALA B 333 6.77 22.36 -38.15
CA ALA B 333 6.11 23.15 -37.14
C ALA B 333 4.95 23.93 -37.76
N PRO B 334 3.96 24.31 -36.97
CA PRO B 334 2.88 25.16 -37.50
C PRO B 334 3.43 26.52 -37.90
N LYS B 335 2.71 27.17 -38.80
CA LYS B 335 3.13 28.48 -39.28
C LYS B 335 2.82 29.54 -38.22
N ILE B 336 3.61 29.53 -37.13
CA ILE B 336 3.41 30.42 -35.99
C ILE B 336 4.75 31.02 -35.63
N GLU B 337 4.73 32.26 -35.17
CA GLU B 337 5.94 32.91 -34.72
C GLU B 337 6.59 32.13 -33.58
N GLU B 338 7.90 31.95 -33.67
CA GLU B 338 8.66 31.22 -32.66
C GLU B 338 8.66 31.95 -31.32
N LYS B 339 8.46 31.21 -30.23
CA LYS B 339 8.53 31.77 -28.88
C LYS B 339 9.38 30.87 -28.00
N VAL B 340 10.59 31.32 -27.70
CA VAL B 340 11.48 30.58 -26.81
C VAL B 340 11.24 31.08 -25.39
N PHE B 341 11.22 30.15 -24.44
CA PHE B 341 11.03 30.45 -23.03
C PHE B 341 12.37 30.38 -22.31
N ALA B 342 12.47 31.10 -21.20
CA ALA B 342 13.64 30.99 -20.35
C ALA B 342 13.58 29.72 -19.52
N PRO B 343 14.74 29.21 -19.07
CA PRO B 343 14.74 27.99 -18.26
C PRO B 343 13.91 28.17 -17.00
N THR B 344 13.25 27.09 -16.58
CA THR B 344 12.45 27.12 -15.37
C THR B 344 13.15 26.43 -14.21
N TYR B 345 14.39 25.98 -14.41
CA TYR B 345 15.23 25.56 -13.30
C TYR B 345 16.63 26.07 -13.61
N HIS B 346 17.45 26.14 -12.56
CA HIS B 346 18.84 26.52 -12.73
C HIS B 346 19.72 25.28 -12.62
N THR B 347 20.75 25.23 -13.47
CA THR B 347 21.65 24.08 -13.50
C THR B 347 22.23 23.78 -12.13
N VAL B 348 22.56 24.81 -11.35
CA VAL B 348 22.94 24.65 -9.95
C VAL B 348 21.89 25.37 -9.11
N ASP B 349 21.09 24.60 -8.39
CA ASP B 349 20.12 25.14 -7.45
C ASP B 349 20.80 25.30 -6.10
N GLU B 350 21.00 26.54 -5.68
CA GLU B 350 21.62 26.84 -4.40
C GLU B 350 20.61 26.93 -3.26
N PHE B 351 19.33 26.67 -3.53
CA PHE B 351 18.28 26.69 -2.50
C PHE B 351 18.21 28.08 -1.86
N LYS B 352 18.40 29.14 -2.66
CA LYS B 352 18.24 30.51 -2.14
C LYS B 352 16.79 30.95 -2.12
N GLU B 353 15.91 30.30 -2.87
CA GLU B 353 14.49 30.61 -2.84
C GLU B 353 13.78 29.89 -1.71
N SER B 354 12.65 30.46 -1.28
CA SER B 354 11.89 29.89 -0.19
C SER B 354 10.93 28.79 -0.63
N THR B 355 10.79 28.58 -1.93
CA THR B 355 9.96 27.52 -2.47
C THR B 355 10.83 26.54 -3.26
N LEU B 356 10.50 25.26 -3.18
CA LEU B 356 11.18 24.25 -3.97
C LEU B 356 10.90 24.49 -5.45
N ASN B 357 11.96 24.40 -6.25
CA ASN B 357 11.84 24.57 -7.70
C ASN B 357 10.82 23.60 -8.28
N ARG B 358 10.08 24.07 -9.29
CA ARG B 358 8.96 23.33 -9.86
C ARG B 358 9.38 22.02 -10.54
N HIS B 359 10.66 21.79 -10.74
CA HIS B 359 11.06 20.51 -11.30
C HIS B 359 11.30 19.45 -10.24
N PHE B 360 11.25 19.82 -8.97
CA PHE B 360 11.38 18.87 -7.87
C PHE B 360 9.99 18.35 -7.48
N GLN B 361 9.93 17.05 -7.19
CA GLN B 361 8.72 16.48 -6.64
C GLN B 361 9.09 15.62 -5.44
N THR B 362 8.09 15.32 -4.62
CA THR B 362 8.22 14.38 -3.52
C THR B 362 7.31 13.19 -3.80
N LEU B 363 7.48 12.11 -3.04
CA LEU B 363 6.64 10.93 -3.22
C LEU B 363 5.35 11.08 -2.41
N ARG B 364 4.22 11.07 -3.11
CA ARG B 364 2.89 10.82 -2.56
C ARG B 364 2.30 11.96 -1.73
N ILE B 365 3.12 12.68 -0.97
CA ILE B 365 2.62 13.61 0.04
C ILE B 365 3.24 14.97 -0.18
N PRO B 366 2.62 16.04 0.35
CA PRO B 366 3.18 17.38 0.21
C PRO B 366 4.50 17.54 0.93
N PHE B 367 5.33 18.44 0.41
CA PHE B 367 6.57 18.83 1.09
C PHE B 367 6.22 19.81 2.20
N THR B 368 6.23 19.33 3.43
CA THR B 368 5.89 20.13 4.59
C THR B 368 7.07 20.15 5.55
N ASP B 369 6.93 20.91 6.63
CA ASP B 369 7.99 21.02 7.63
C ASP B 369 8.28 19.70 8.34
N GLN B 370 7.39 18.70 8.25
CA GLN B 370 7.65 17.38 8.81
C GLN B 370 8.58 16.56 7.93
N ILE B 371 8.82 16.99 6.70
CA ILE B 371 9.71 16.29 5.79
C ILE B 371 10.97 17.09 5.50
N GLY B 372 10.89 18.41 5.46
CA GLY B 372 12.06 19.21 5.17
C GLY B 372 11.75 20.68 5.36
N SER B 373 12.79 21.49 5.16
CA SER B 373 12.65 22.93 5.34
C SER B 373 13.65 23.65 4.43
N LEU B 374 13.21 24.77 3.87
CA LEU B 374 14.13 25.65 3.14
C LEU B 374 14.52 26.88 3.96
N THR B 375 13.98 27.03 5.17
CA THR B 375 14.30 28.18 6.00
C THR B 375 15.00 27.84 7.30
N GLU B 376 14.92 26.60 7.79
CA GLU B 376 15.62 26.26 9.04
C GLU B 376 17.12 26.42 8.88
N LYS B 377 17.68 26.00 7.74
CA LYS B 377 19.12 26.13 7.50
C LYS B 377 19.27 26.91 6.20
N PRO B 378 19.46 28.22 6.28
CA PRO B 378 19.39 29.06 5.08
C PRO B 378 20.40 28.61 4.04
N GLN B 379 19.99 28.74 2.78
CA GLN B 379 20.76 28.35 1.60
C GLN B 379 21.02 26.86 1.53
N HIS B 380 20.33 26.07 2.35
CA HIS B 380 20.34 24.61 2.31
C HIS B 380 18.92 24.07 2.17
N LEU B 381 18.80 22.91 1.56
CA LEU B 381 17.59 22.10 1.70
C LEU B 381 17.81 21.15 2.87
N ARG B 382 17.07 21.33 3.94
CA ARG B 382 17.17 20.45 5.09
C ARG B 382 16.09 19.38 4.97
N LEU B 383 16.50 18.11 5.04
CA LEU B 383 15.57 16.98 5.04
C LEU B 383 15.66 16.27 6.38
N PHE B 384 14.52 16.06 7.03
CA PHE B 384 14.43 15.33 8.28
C PHE B 384 14.30 13.84 7.98
N GLY B 385 15.18 13.02 8.57
CA GLY B 385 15.14 11.61 8.25
C GLY B 385 13.82 10.94 8.56
N ARG B 386 13.12 10.44 7.53
CA ARG B 386 11.88 9.71 7.75
C ARG B 386 12.06 8.27 7.29
N GLU B 387 11.12 7.73 6.51
CA GLU B 387 11.13 6.30 6.27
C GLU B 387 12.08 5.93 5.12
N SER B 388 12.36 4.63 5.03
CA SER B 388 13.29 4.11 4.03
C SER B 388 12.73 4.31 2.61
N LEU B 389 13.59 4.07 1.62
CA LEU B 389 13.20 4.17 0.21
C LEU B 389 12.19 3.11 -0.22
N THR B 390 11.91 2.11 0.60
CA THR B 390 10.93 1.08 0.26
C THR B 390 9.54 1.42 0.77
N SER B 391 9.40 2.56 1.44
CA SER B 391 8.13 2.91 2.09
C SER B 391 7.21 3.70 1.15
N LYS B 392 5.95 3.26 1.08
CA LYS B 392 4.93 3.98 0.33
C LYS B 392 4.22 5.02 1.18
N PHE B 393 4.81 5.39 2.32
CA PHE B 393 4.13 6.33 3.20
C PHE B 393 4.86 7.67 3.29
N THR B 394 5.89 7.78 4.13
CA THR B 394 6.51 9.08 4.39
C THR B 394 8.01 9.03 4.15
N GLN B 395 8.42 9.44 2.96
CA GLN B 395 9.83 9.54 2.60
C GLN B 395 10.27 10.99 2.48
N ALA B 396 11.39 11.31 3.13
CA ALA B 396 12.04 12.61 2.97
C ALA B 396 12.98 12.53 1.77
N PHE B 397 12.39 12.69 0.59
CA PHE B 397 13.06 12.45 -0.69
C PHE B 397 12.56 13.52 -1.65
N VAL B 398 13.46 14.32 -2.20
CA VAL B 398 13.13 15.39 -3.13
C VAL B 398 13.90 15.10 -4.41
N ALA B 399 13.20 14.92 -5.53
CA ALA B 399 13.87 14.38 -6.72
C ALA B 399 13.34 15.02 -7.98
N ARG B 400 14.08 14.83 -9.07
CA ARG B 400 13.69 15.37 -10.36
C ARG B 400 13.96 14.31 -11.42
N ARG B 401 13.29 14.44 -12.57
CA ARG B 401 13.36 13.43 -13.60
C ARG B 401 14.75 13.35 -14.23
N TRP B 402 15.17 12.14 -14.56
CA TRP B 402 16.13 11.98 -15.64
C TRP B 402 15.50 12.48 -16.93
N GLN B 403 16.09 13.47 -17.57
CA GLN B 403 15.51 13.98 -18.81
C GLN B 403 16.45 13.89 -20.01
N SER B 404 17.58 13.20 -19.84
CA SER B 404 18.55 12.98 -20.90
C SER B 404 19.21 11.64 -20.65
N PHE B 405 19.71 11.01 -21.70
CA PHE B 405 20.57 9.84 -21.52
C PHE B 405 21.95 10.20 -20.98
N TYR B 406 22.34 11.47 -21.05
CA TYR B 406 23.70 11.87 -20.69
C TYR B 406 23.59 13.07 -19.77
N PHE B 407 23.96 12.90 -18.50
CA PHE B 407 23.93 14.02 -17.58
C PHE B 407 24.78 13.71 -16.35
N GLU B 408 24.98 14.75 -15.54
CA GLU B 408 25.58 14.65 -14.23
C GLU B 408 24.64 15.31 -13.25
N ALA B 409 24.49 14.70 -12.08
CA ALA B 409 23.77 15.32 -10.97
C ALA B 409 24.67 15.28 -9.75
N GLU B 410 24.59 16.31 -8.93
CA GLU B 410 25.56 16.43 -7.86
C GLU B 410 24.94 17.19 -6.71
N THR B 411 25.31 16.82 -5.49
CA THR B 411 24.85 17.53 -4.30
C THR B 411 25.97 17.53 -3.26
N ALA B 412 25.79 18.33 -2.22
CA ALA B 412 26.74 18.41 -1.13
C ALA B 412 25.94 18.36 0.16
N VAL B 413 26.24 17.39 1.02
CA VAL B 413 25.38 17.10 2.16
C VAL B 413 26.19 17.20 3.44
N SER B 414 25.64 17.94 4.39
CA SER B 414 26.12 17.99 5.77
C SER B 414 25.22 17.06 6.57
N PHE B 415 25.81 15.98 7.09
CA PHE B 415 25.06 14.95 7.79
C PHE B 415 25.97 14.29 8.79
N PHE B 416 25.53 14.17 10.04
CA PHE B 416 26.33 13.60 11.10
C PHE B 416 25.54 12.52 11.81
N PRO B 417 25.44 11.34 11.22
CA PRO B 417 24.64 10.26 11.80
C PRO B 417 25.24 9.71 13.08
N GLU B 418 24.35 9.30 13.99
CA GLU B 418 24.75 8.75 15.27
C GLU B 418 24.47 7.27 15.42
N ASN B 419 23.72 6.66 14.53
CA ASN B 419 23.50 5.23 14.60
C ASN B 419 23.36 4.71 13.18
N PHE B 420 23.39 3.38 13.05
CA PHE B 420 23.37 2.74 11.74
C PHE B 420 22.03 2.88 11.02
N GLN B 421 20.98 3.34 11.70
CA GLN B 421 19.69 3.47 11.08
C GLN B 421 19.47 4.86 10.47
N GLN B 422 20.53 5.67 10.39
CA GLN B 422 20.45 7.01 9.83
C GLN B 422 21.34 7.07 8.59
N ALA B 423 20.78 7.55 7.47
CA ALA B 423 21.54 7.68 6.24
C ALA B 423 20.95 8.80 5.39
N ALA B 424 21.81 9.49 4.64
CA ALA B 424 21.36 10.57 3.78
C ALA B 424 22.31 10.69 2.60
N GLY B 425 21.77 11.07 1.45
CA GLY B 425 22.62 11.24 0.30
C GLY B 425 21.87 11.35 -1.02
N LEU B 426 22.44 10.73 -2.04
CA LEU B 426 22.01 10.90 -3.42
C LEU B 426 21.38 9.61 -3.92
N VAL B 427 20.19 9.71 -4.52
CA VAL B 427 19.41 8.53 -4.88
C VAL B 427 19.01 8.61 -6.35
N ASN B 428 19.14 7.49 -7.05
CA ASN B 428 18.50 7.30 -8.34
C ASN B 428 17.42 6.23 -8.17
N TYR B 429 16.21 6.56 -8.63
CA TYR B 429 15.01 5.94 -8.11
C TYR B 429 14.02 5.69 -9.23
N TYR B 430 13.46 4.48 -9.27
CA TYR B 430 12.29 4.23 -10.10
C TYR B 430 11.05 4.05 -9.24
N ASN B 431 11.04 3.08 -8.31
CA ASN B 431 9.92 2.90 -7.39
C ASN B 431 10.47 2.32 -6.08
N THR B 432 9.57 1.95 -5.16
CA THR B 432 10.02 1.59 -3.82
C THR B 432 10.86 0.33 -3.82
N GLU B 433 10.80 -0.47 -4.87
CA GLU B 433 11.55 -1.72 -5.01
C GLU B 433 12.75 -1.58 -5.93
N ASN B 434 13.00 -0.40 -6.48
CA ASN B 434 13.99 -0.28 -7.56
C ASN B 434 14.67 1.09 -7.45
N TRP B 435 15.89 1.07 -6.92
CA TRP B 435 16.64 2.30 -6.69
C TRP B 435 18.06 1.93 -6.32
N THR B 436 18.95 2.93 -6.42
CA THR B 436 20.28 2.85 -5.84
C THR B 436 20.54 4.16 -5.08
N ALA B 437 21.37 4.08 -4.06
CA ALA B 437 21.60 5.25 -3.22
C ALA B 437 23.04 5.25 -2.71
N LEU B 438 23.67 6.43 -2.76
CA LEU B 438 24.98 6.69 -2.16
C LEU B 438 24.74 7.61 -0.97
N GLN B 439 24.97 7.09 0.24
CA GLN B 439 24.55 7.79 1.44
C GLN B 439 25.65 7.82 2.49
N VAL B 440 25.71 8.93 3.21
CA VAL B 440 26.47 9.04 4.44
C VAL B 440 25.71 8.32 5.54
N THR B 441 26.35 7.34 6.17
CA THR B 441 25.70 6.63 7.27
C THR B 441 26.71 6.44 8.39
N TYR B 442 26.35 5.64 9.36
CA TYR B 442 27.15 5.45 10.57
C TYR B 442 27.44 3.98 10.76
N ASP B 443 28.68 3.67 11.10
CA ASP B 443 29.11 2.32 11.41
C ASP B 443 29.61 2.28 12.84
N GLU B 444 29.19 1.25 13.58
CA GLU B 444 29.49 1.20 15.00
C GLU B 444 30.98 1.20 15.27
N GLU B 445 31.78 0.69 14.33
CA GLU B 445 33.23 0.58 14.49
C GLU B 445 34.01 1.70 13.81
N LEU B 446 33.61 2.13 12.62
CA LEU B 446 34.37 3.12 11.87
C LEU B 446 33.79 4.53 11.93
N GLY B 447 32.61 4.72 12.51
CA GLY B 447 32.03 6.03 12.54
C GLY B 447 31.33 6.36 11.22
N ARG B 448 31.36 7.65 10.89
CA ARG B 448 30.76 8.11 9.65
C ARG B 448 31.39 7.42 8.45
N THR B 449 30.54 6.82 7.62
CA THR B 449 31.01 6.12 6.43
C THR B 449 30.10 6.44 5.25
N LEU B 450 30.61 6.15 4.06
CA LEU B 450 29.88 6.33 2.81
C LEU B 450 29.48 4.96 2.29
N GLU B 451 28.18 4.76 2.08
CA GLU B 451 27.66 3.44 1.76
C GLU B 451 26.83 3.47 0.48
N LEU B 452 26.96 2.41 -0.31
CA LEU B 452 26.21 2.22 -1.54
C LEU B 452 25.13 1.17 -1.29
N SER B 453 23.87 1.53 -1.53
CA SER B 453 22.76 0.60 -1.35
C SER B 453 22.02 0.42 -2.67
N VAL B 454 21.58 -0.81 -2.93
CA VAL B 454 20.98 -1.20 -4.21
C VAL B 454 19.73 -2.01 -3.91
N CYS B 455 18.61 -1.58 -4.45
CA CYS B 455 17.37 -2.33 -4.38
C CYS B 455 16.94 -2.66 -5.79
N GLN B 456 16.84 -3.95 -6.11
CA GLN B 456 16.49 -4.39 -7.46
C GLN B 456 15.31 -5.35 -7.36
N ASN B 457 14.13 -4.87 -7.72
CA ASN B 457 12.88 -5.61 -7.49
C ASN B 457 12.86 -6.20 -6.07
N LEU B 458 13.22 -5.35 -5.11
CA LEU B 458 13.21 -5.57 -3.68
C LEU B 458 14.34 -6.46 -3.17
N ALA B 459 15.19 -7.01 -4.04
CA ALA B 459 16.42 -7.65 -3.61
C ALA B 459 17.45 -6.59 -3.26
N PHE B 460 17.94 -6.61 -2.02
CA PHE B 460 18.75 -5.55 -1.44
C PHE B 460 20.21 -5.97 -1.35
N SER B 461 21.11 -5.11 -1.79
CA SER B 461 22.53 -5.40 -1.70
C SER B 461 23.28 -4.12 -1.38
N GLN B 462 24.46 -4.30 -0.80
CA GLN B 462 25.39 -3.21 -0.48
C GLN B 462 26.72 -3.68 -1.04
N PRO B 463 27.03 -3.32 -2.30
CA PRO B 463 28.09 -4.01 -3.04
C PRO B 463 29.52 -3.57 -2.75
N LEU B 464 29.74 -2.42 -2.11
CA LEU B 464 31.10 -2.00 -1.84
C LEU B 464 31.84 -3.09 -1.08
N THR B 465 33.04 -3.42 -1.56
CA THR B 465 33.82 -4.45 -0.89
C THR B 465 34.55 -3.91 0.33
N HIS B 466 35.01 -2.66 0.28
CA HIS B 466 35.67 -2.04 1.42
C HIS B 466 34.94 -0.75 1.80
N LYS B 467 34.91 -0.47 3.10
CA LYS B 467 34.16 0.66 3.62
C LYS B 467 34.89 1.98 3.33
N ILE B 468 34.11 3.02 3.08
CA ILE B 468 34.63 4.37 2.84
C ILE B 468 34.44 5.17 4.11
N ILE B 469 35.52 5.46 4.81
CA ILE B 469 35.44 6.19 6.07
C ILE B 469 35.49 7.69 5.79
N ILE B 470 34.67 8.46 6.49
CA ILE B 470 34.62 9.90 6.32
C ILE B 470 35.30 10.54 7.53
N PRO B 471 36.39 11.29 7.34
CA PRO B 471 37.02 11.97 8.49
C PRO B 471 36.05 12.93 9.17
N ASP B 472 36.21 13.07 10.48
CA ASP B 472 35.38 13.99 11.26
C ASP B 472 35.52 15.43 10.81
N GLU B 473 36.63 15.78 10.16
CA GLU B 473 36.89 17.15 9.76
C GLU B 473 36.03 17.57 8.58
N VAL B 474 35.40 16.61 7.90
CA VAL B 474 34.70 16.89 6.64
C VAL B 474 33.33 17.49 7.00
N THR B 475 33.15 18.76 6.70
CA THR B 475 31.85 19.41 6.88
C THR B 475 30.83 18.88 5.88
N TYR B 476 31.17 18.92 4.60
CA TYR B 476 30.27 18.53 3.52
C TYR B 476 30.86 17.35 2.74
N VAL B 477 30.00 16.40 2.42
CA VAL B 477 30.36 15.29 1.53
C VAL B 477 29.72 15.56 0.18
N TYR B 478 30.54 15.66 -0.86
CA TYR B 478 30.06 15.95 -2.20
C TYR B 478 29.76 14.64 -2.91
N LEU B 479 28.57 14.53 -3.50
CA LEU B 479 28.11 13.30 -4.11
C LEU B 479 27.69 13.57 -5.54
N LYS B 480 28.04 12.66 -6.45
CA LYS B 480 27.76 12.88 -7.85
C LYS B 480 27.36 11.57 -8.49
N VAL B 481 26.45 11.65 -9.46
CA VAL B 481 26.17 10.53 -10.35
C VAL B 481 26.41 11.00 -11.78
N THR B 482 27.06 10.15 -12.57
CA THR B 482 27.32 10.43 -13.97
C THR B 482 26.62 9.37 -14.79
N VAL B 483 25.68 9.78 -15.64
CA VAL B 483 24.85 8.87 -16.43
C VAL B 483 25.32 8.95 -17.88
N ARG B 484 25.72 7.81 -18.42
CA ARG B 484 26.19 7.69 -19.80
C ARG B 484 25.34 6.64 -20.50
N LYS B 485 24.09 6.99 -20.77
CA LYS B 485 23.12 6.10 -21.43
C LYS B 485 22.99 4.76 -20.70
N GLU B 486 23.68 3.72 -21.15
CA GLU B 486 23.47 2.38 -20.61
C GLU B 486 23.95 2.23 -19.17
N THR B 487 24.98 2.99 -18.77
CA THR B 487 25.58 2.81 -17.46
C THR B 487 25.63 4.12 -16.73
N TYR B 488 25.64 4.05 -15.40
CA TYR B 488 25.89 5.22 -14.59
C TYR B 488 26.75 4.82 -13.40
N LYS B 489 27.48 5.80 -12.87
CA LYS B 489 28.46 5.59 -11.82
C LYS B 489 28.39 6.72 -10.79
N TYR B 490 28.59 6.39 -9.52
CA TYR B 490 28.65 7.41 -8.49
C TYR B 490 30.11 7.82 -8.24
N SER B 491 30.28 9.09 -7.86
CA SER B 491 31.55 9.64 -7.41
C SER B 491 31.33 10.47 -6.16
N TYR B 492 32.40 10.65 -5.38
CA TYR B 492 32.31 11.46 -4.18
C TYR B 492 33.61 12.22 -3.96
N SER B 493 33.51 13.29 -3.17
CA SER B 493 34.65 14.11 -2.82
C SER B 493 34.42 14.69 -1.44
N PHE B 494 35.52 14.93 -0.73
CA PHE B 494 35.46 15.59 0.56
C PHE B 494 35.85 17.07 0.48
N ASP B 495 36.23 17.57 -0.70
CA ASP B 495 36.65 18.95 -0.85
C ASP B 495 36.13 19.61 -2.13
N GLN B 496 35.35 18.91 -2.94
CA GLN B 496 34.80 19.37 -4.21
C GLN B 496 35.87 19.49 -5.29
N LYS B 497 37.14 19.39 -4.89
CA LYS B 497 38.25 19.45 -5.83
C LYS B 497 38.67 18.06 -6.30
N GLU B 498 38.92 17.15 -5.37
CA GLU B 498 39.42 15.81 -5.69
C GLU B 498 38.28 14.80 -5.65
N TRP B 499 37.86 14.30 -6.81
CA TRP B 499 36.74 13.37 -6.91
C TRP B 499 37.23 11.95 -7.05
N LYS B 500 36.54 11.02 -6.37
CA LYS B 500 36.83 9.60 -6.46
C LYS B 500 35.60 8.89 -7.01
N GLU B 501 35.75 8.20 -8.14
CA GLU B 501 34.66 7.42 -8.69
C GLU B 501 34.57 6.09 -7.97
N ILE B 502 33.35 5.67 -7.67
CA ILE B 502 33.11 4.33 -7.12
C ILE B 502 32.95 3.38 -8.30
N ASP B 503 33.82 2.37 -8.37
CA ASP B 503 33.92 1.52 -9.55
C ASP B 503 32.89 0.39 -9.49
N VAL B 504 31.65 0.80 -9.37
CA VAL B 504 30.50 -0.10 -9.50
C VAL B 504 29.63 0.43 -10.62
N PRO B 505 29.65 -0.20 -11.79
CA PRO B 505 28.89 0.33 -12.94
C PRO B 505 27.45 -0.15 -12.88
N PHE B 506 26.53 0.78 -12.77
CA PHE B 506 25.12 0.47 -12.65
C PHE B 506 24.45 0.55 -14.00
N GLU B 507 23.49 -0.33 -14.22
CA GLU B 507 22.77 -0.39 -15.49
C GLU B 507 21.54 0.51 -15.41
N SER B 508 21.48 1.47 -16.33
CA SER B 508 20.34 2.36 -16.39
C SER B 508 19.05 1.60 -16.64
N ILE B 509 19.10 0.48 -17.37
CA ILE B 509 17.87 -0.23 -17.68
C ILE B 509 17.22 -0.79 -16.42
N HIS B 510 17.94 -0.91 -15.29
CA HIS B 510 17.28 -1.40 -14.08
C HIS B 510 16.35 -0.37 -13.47
N LEU B 511 16.43 0.87 -13.93
CA LEU B 511 15.52 1.94 -13.51
C LEU B 511 14.54 2.29 -14.62
N SER B 512 13.98 1.29 -15.30
CA SER B 512 13.16 1.53 -16.46
C SER B 512 11.81 0.85 -16.32
N ASP B 513 10.84 1.39 -17.05
CA ASP B 513 9.51 0.82 -17.14
C ASP B 513 9.56 -0.66 -17.49
N ASP B 514 10.49 -1.05 -18.34
CA ASP B 514 10.47 -2.37 -18.93
C ASP B 514 11.18 -3.42 -18.09
N PHE B 515 11.84 -3.03 -17.00
CA PHE B 515 12.57 -3.94 -16.14
C PHE B 515 11.85 -4.25 -14.83
N ILE B 516 11.17 -3.28 -14.27
CA ILE B 516 10.64 -3.46 -12.92
C ILE B 516 9.41 -4.37 -12.97
N ARG B 517 9.22 -5.14 -11.89
CA ARG B 517 8.12 -6.07 -11.79
C ARG B 517 6.85 -5.39 -11.27
N GLY B 518 5.73 -6.07 -11.44
CA GLY B 518 4.49 -5.63 -10.87
C GLY B 518 3.58 -4.97 -11.90
N GLY B 519 2.37 -4.67 -11.44
CA GLY B 519 1.34 -4.19 -12.34
C GLY B 519 1.46 -2.74 -12.74
N GLY B 520 2.30 -1.98 -12.04
CA GLY B 520 2.45 -0.58 -12.37
C GLY B 520 3.85 -0.25 -12.80
N PHE B 521 3.99 0.21 -14.04
CA PHE B 521 5.29 0.40 -14.66
C PHE B 521 5.23 1.65 -15.53
N PHE B 522 4.74 2.75 -14.95
CA PHE B 522 4.30 3.89 -15.76
C PHE B 522 5.06 5.18 -15.49
N THR B 523 6.12 5.16 -14.67
CA THR B 523 6.83 6.40 -14.41
C THR B 523 8.16 6.49 -15.15
N GLY B 524 9.25 6.62 -14.44
CA GLY B 524 10.54 6.82 -15.07
C GLY B 524 11.54 7.11 -13.98
N ALA B 525 12.80 7.21 -14.39
CA ALA B 525 13.88 7.37 -13.43
C ALA B 525 13.94 8.80 -12.91
N PHE B 526 14.17 8.92 -11.61
CA PHE B 526 14.36 10.17 -10.91
C PHE B 526 15.73 10.17 -10.24
N VAL B 527 16.28 11.35 -10.01
CA VAL B 527 17.48 11.53 -9.22
C VAL B 527 17.19 12.62 -8.20
N GLY B 528 17.67 12.44 -6.96
CA GLY B 528 17.34 13.44 -5.97
C GLY B 528 18.11 13.27 -4.67
N MET B 529 17.70 14.08 -3.70
CA MET B 529 18.32 14.13 -2.38
C MET B 529 17.40 13.49 -1.36
N GLN B 530 17.99 12.78 -0.41
CA GLN B 530 17.22 11.93 0.48
C GLN B 530 17.88 11.84 1.85
N CYS B 531 17.03 11.69 2.86
CA CYS B 531 17.45 11.43 4.22
C CYS B 531 16.48 10.45 4.87
N GLN B 532 16.99 9.38 5.49
CA GLN B 532 16.15 8.47 6.26
C GLN B 532 16.69 8.34 7.67
N ASP B 533 15.77 8.16 8.62
CA ASP B 533 16.12 7.87 10.01
C ASP B 533 15.10 6.84 10.47
N THR B 534 15.47 5.56 10.38
CA THR B 534 14.61 4.48 10.84
C THR B 534 14.87 4.12 12.31
N SER B 535 15.47 5.04 13.07
CA SER B 535 15.58 4.90 14.52
C SER B 535 14.52 5.69 15.27
N GLY B 536 14.00 6.76 14.68
CA GLY B 536 12.95 7.56 15.29
C GLY B 536 13.33 9.00 15.59
N GLU B 537 14.60 9.37 15.48
CA GLU B 537 15.03 10.68 15.92
C GLU B 537 14.91 11.79 14.87
N ARG B 538 14.56 11.45 13.62
CA ARG B 538 14.37 12.44 12.56
C ARG B 538 15.57 13.37 12.38
N LEU B 539 16.75 12.77 12.37
CA LEU B 539 17.99 13.53 12.24
C LEU B 539 18.05 14.28 10.90
N PRO B 540 18.37 15.57 10.90
CA PRO B 540 18.36 16.32 9.65
C PRO B 540 19.65 16.18 8.83
N ALA B 541 19.47 16.22 7.52
CA ALA B 541 20.57 16.35 6.57
C ALA B 541 20.41 17.67 5.84
N ASP B 542 21.52 18.41 5.67
CA ASP B 542 21.49 19.73 5.05
C ASP B 542 22.21 19.66 3.71
N PHE B 543 21.46 19.84 2.63
CA PHE B 543 21.99 19.75 1.27
C PHE B 543 22.25 21.17 0.78
N HIS B 544 23.51 21.46 0.43
CA HIS B 544 23.88 22.83 0.13
C HIS B 544 23.39 23.27 -1.24
N TYR B 545 23.42 22.38 -2.20
CA TYR B 545 22.96 22.69 -3.55
C TYR B 545 22.62 21.39 -4.26
N PHE B 546 21.91 21.53 -5.36
CA PHE B 546 21.65 20.41 -6.25
C PHE B 546 21.92 20.85 -7.67
N ARG B 547 22.86 20.19 -8.34
CA ARG B 547 23.21 20.50 -9.71
C ARG B 547 22.71 19.39 -10.60
N TYR B 548 22.00 19.76 -11.68
CA TYR B 548 21.61 18.81 -12.72
C TYR B 548 22.00 19.41 -14.05
N GLU B 549 22.92 18.74 -14.75
CA GLU B 549 23.55 19.29 -15.94
C GLU B 549 23.58 18.22 -17.02
N GLU B 550 22.89 18.48 -18.13
CA GLU B 550 22.92 17.51 -19.22
C GLU B 550 24.19 17.71 -20.04
N THR B 551 24.66 16.62 -20.66
CA THR B 551 25.97 16.58 -21.32
C THR B 551 25.85 16.05 -22.74
N ASP B 552 26.98 16.06 -23.45
CA ASP B 552 27.13 15.35 -24.72
C ASP B 552 27.79 13.98 -24.48
C1 GOL C . 5.35 -9.87 16.18
O1 GOL C . 4.90 -8.68 16.72
C2 GOL C . 4.48 -10.18 14.94
O2 GOL C . 3.24 -10.71 15.28
C3 GOL C . 5.33 -11.23 14.19
O3 GOL C . 6.06 -11.91 15.15
C1 GOL D . 8.90 -11.11 12.99
O1 GOL D . 8.98 -10.44 11.77
C2 GOL D . 8.86 -12.62 12.67
O2 GOL D . 8.64 -13.42 13.80
C3 GOL D . 7.72 -12.74 11.64
O3 GOL D . 8.32 -12.60 10.39
C1 GOL E . -0.72 7.58 15.54
O1 GOL E . -1.07 8.94 15.49
C2 GOL E . -0.35 7.15 14.10
O2 GOL E . -1.17 7.75 13.17
C3 GOL E . -0.42 5.59 14.09
O3 GOL E . -1.18 5.19 12.97
C1 GOL F . -7.87 12.06 -4.44
O1 GOL F . -6.81 11.42 -3.74
C2 GOL F . -8.98 12.43 -3.42
O2 GOL F . -8.50 12.53 -2.14
C3 GOL F . -9.58 13.74 -3.88
O3 GOL F . -10.29 14.26 -2.77
C1 GOL G . -1.83 3.78 -18.07
O1 GOL G . -2.01 3.13 -19.30
C2 GOL G . -1.54 5.22 -18.44
O2 GOL G . -0.24 5.60 -18.10
C3 GOL G . -2.60 6.07 -17.73
O3 GOL G . -3.83 5.81 -18.35
#